data_2E0Y
#
_entry.id   2E0Y
#
_cell.length_a   78.92
_cell.length_b   125.9
_cell.length_c   128.9
_cell.angle_alpha   90.0
_cell.angle_beta   90.0
_cell.angle_gamma   90.0
#
_symmetry.space_group_name_H-M   'P 21 21 21'
#
loop_
_entity.id
_entity.type
_entity.pdbx_description
1 polymer Gamma-glutamyltranspeptidase
2 polymer Gamma-glutamyltranspeptidase
3 non-polymer GLYCEROL
4 non-polymer 'SAMARIUM (III) ION'
5 water water
#
loop_
_entity_poly.entity_id
_entity_poly.type
_entity_poly.pdbx_seq_one_letter_code
_entity_poly.pdbx_strand_id
1 'polypeptide(L)'
;AAPPAPPVSYGVEEDVFHPVRAKQG(MSE)VASVDATATQVGVDILKEGGNAVDAAVAVGYALAVTHPQAGNLGGGGF
(MSE)LIRSKNGNTTAIDFRE(MSE)APAKATRD(MSE)FLDDQGNPDSKKSLTSHLASGTPGTVAGFSLALDKYGT
(MSE)PLNKVVQPAFKLARDGFIVNDALADDLKTYGSEVLPNHENSKAIFWKEGEPLKKGDTLVQANLAKSLE(MSE)IA
ENGPDEFYKGTIAEQIAQE(MSE)QKNGGLITKEDLAAYKAVERTPISGDYRGYQVYS(MSE)PPPSSGGIHIVQILNIL
ENFD(MSE)KKYGFGSADA(MSE)QI(MSE)AEAEKYAYADRSEYLGDPDFVKVPWQALTNKAYAKSIADQIDINKAKPS
SEIRPGKLAPYESNQ
;
A,C
2 'polypeptide(L)'
;TTHYSVVDKDGNAVAVTYTLNTTFGTGIVAGESGILLNNQ(MSE)DDFSAKPGVPNVYGLVGGDANAVGPNKRPLSS
(MSE)SPTIVVKDGKTWLVTGSPGGSRIITTVLQ(MSE)VVNSIDYGLNVAEATNAPRFHHQWLPDELRVEKGFSPDTLK
LLEAKGQKVALKEA(MSE)GSTQSI(MSE)VGPDGELYGASDPRSVDDLTAGY
;
B,D
#
loop_
_chem_comp.id
_chem_comp.type
_chem_comp.name
_chem_comp.formula
GOL non-polymer GLYCEROL 'C3 H8 O3'
SM non-polymer 'SAMARIUM (III) ION' 'Sm 3'
#
# COMPACT_ATOMS: atom_id res chain seq x y z
N ALA A 5 -7.01 -14.91 -23.84
CA ALA A 5 -6.88 -14.61 -22.39
C ALA A 5 -5.75 -15.42 -21.77
N PRO A 6 -4.74 -14.73 -21.19
CA PRO A 6 -3.60 -15.39 -20.56
C PRO A 6 -3.94 -15.99 -19.20
N PRO A 7 -3.01 -16.74 -18.59
CA PRO A 7 -3.27 -17.34 -17.29
C PRO A 7 -3.40 -16.28 -16.19
N VAL A 8 -4.24 -16.55 -15.20
CA VAL A 8 -4.46 -15.63 -14.09
C VAL A 8 -3.34 -15.72 -13.06
N SER A 9 -3.31 -14.74 -12.14
CA SER A 9 -2.31 -14.72 -11.08
C SER A 9 -2.96 -14.25 -9.78
N TYR A 10 -2.90 -15.10 -8.76
CA TYR A 10 -3.47 -14.76 -7.47
C TYR A 10 -2.42 -14.09 -6.60
N GLY A 11 -1.18 -14.09 -7.08
CA GLY A 11 -0.09 -13.47 -6.35
C GLY A 11 1.02 -14.39 -5.90
N VAL A 12 2.25 -13.96 -6.12
CA VAL A 12 3.43 -14.72 -5.73
C VAL A 12 4.33 -13.82 -4.89
N GLU A 13 5.19 -14.44 -4.09
CA GLU A 13 6.09 -13.68 -3.21
C GLU A 13 6.94 -12.62 -3.90
N GLU A 14 7.30 -12.84 -5.16
CA GLU A 14 8.14 -11.88 -5.91
C GLU A 14 7.46 -10.62 -6.42
N ASP A 15 6.14 -10.51 -6.24
CA ASP A 15 5.41 -9.33 -6.71
C ASP A 15 5.71 -8.14 -5.79
N VAL A 16 5.37 -6.93 -6.24
CA VAL A 16 5.59 -5.73 -5.43
C VAL A 16 4.43 -5.55 -4.46
N PHE A 17 3.22 -5.79 -4.94
CA PHE A 17 2.03 -5.65 -4.12
C PHE A 17 1.46 -7.04 -3.80
N HIS A 18 1.18 -7.26 -2.52
CA HIS A 18 0.68 -8.54 -2.06
C HIS A 18 -0.75 -8.49 -1.54
N PRO A 19 -1.59 -9.40 -2.00
CA PRO A 19 -2.96 -9.36 -1.50
C PRO A 19 -3.02 -9.92 -0.07
N VAL A 20 -4.06 -9.55 0.66
CA VAL A 20 -4.27 -10.07 2.00
C VAL A 20 -4.79 -11.48 1.72
N ARG A 21 -4.31 -12.48 2.46
CA ARG A 21 -4.75 -13.86 2.24
C ARG A 21 -5.55 -14.41 3.41
N ALA A 22 -6.61 -15.16 3.10
CA ALA A 22 -7.45 -15.77 4.12
C ALA A 22 -7.98 -17.10 3.57
N LYS A 23 -8.19 -18.06 4.45
CA LYS A 23 -8.67 -19.37 4.05
C LYS A 23 -10.18 -19.54 4.18
N GLN A 24 -10.81 -18.77 5.06
CA GLN A 24 -12.24 -18.90 5.26
C GLN A 24 -13.10 -17.75 4.74
N GLY A 25 -13.07 -16.61 5.42
CA GLY A 25 -13.87 -15.48 5.00
C GLY A 25 -13.07 -14.20 4.84
N MSE A 26 -13.67 -13.21 4.17
CA MSE A 26 -12.97 -11.95 3.96
C MSE A 26 -13.88 -10.75 3.74
O MSE A 26 -14.94 -10.86 3.14
CB MSE A 26 -12.01 -12.10 2.76
CG MSE A 26 -11.12 -10.89 2.54
SE MSE A 26 -9.78 -11.26 1.20
CE MSE A 26 -8.46 -12.07 2.33
N VAL A 27 -13.43 -9.61 4.23
CA VAL A 27 -14.16 -8.36 4.07
C VAL A 27 -13.20 -7.28 3.63
N ALA A 28 -13.63 -6.49 2.65
CA ALA A 28 -12.84 -5.38 2.14
C ALA A 28 -13.72 -4.14 2.22
N SER A 29 -13.28 -3.10 2.94
CA SER A 29 -14.06 -1.87 3.05
C SER A 29 -13.16 -0.65 3.24
N VAL A 30 -13.77 0.52 3.17
CA VAL A 30 -13.05 1.78 3.31
C VAL A 30 -12.67 2.10 4.76
N ASP A 31 -13.17 1.30 5.71
CA ASP A 31 -12.91 1.58 7.12
C ASP A 31 -12.50 0.36 7.96
N ALA A 32 -11.36 0.47 8.63
CA ALA A 32 -10.84 -0.62 9.45
C ALA A 32 -11.88 -1.18 10.43
N THR A 33 -12.52 -0.29 11.19
CA THR A 33 -13.52 -0.71 12.18
C THR A 33 -14.67 -1.50 11.55
N ALA A 34 -15.23 -0.98 10.46
CA ALA A 34 -16.35 -1.64 9.79
C ALA A 34 -15.92 -3.00 9.24
N THR A 35 -14.73 -3.07 8.67
CA THR A 35 -14.22 -4.33 8.14
C THR A 35 -14.17 -5.37 9.23
N GLN A 36 -13.64 -4.96 10.39
CA GLN A 36 -13.52 -5.86 11.53
C GLN A 36 -14.88 -6.33 12.02
N VAL A 37 -15.89 -5.46 11.91
CA VAL A 37 -17.25 -5.81 12.32
C VAL A 37 -17.75 -6.93 11.40
N GLY A 38 -17.46 -6.78 10.10
CA GLY A 38 -17.88 -7.80 9.15
C GLY A 38 -17.18 -9.12 9.41
N VAL A 39 -15.89 -9.06 9.70
CA VAL A 39 -15.15 -10.29 9.97
C VAL A 39 -15.68 -10.98 11.22
N ASP A 40 -16.02 -10.21 12.25
CA ASP A 40 -16.55 -10.81 13.48
C ASP A 40 -17.87 -11.50 13.21
N ILE A 41 -18.70 -10.89 12.37
CA ILE A 41 -19.99 -11.46 12.02
C ILE A 41 -19.80 -12.81 11.30
N LEU A 42 -18.80 -12.88 10.42
CA LEU A 42 -18.53 -14.12 9.70
C LEU A 42 -18.02 -15.19 10.68
N LYS A 43 -17.14 -14.80 11.60
CA LYS A 43 -16.60 -15.74 12.57
C LYS A 43 -17.72 -16.27 13.46
N GLU A 44 -18.73 -15.46 13.69
CA GLU A 44 -19.86 -15.87 14.52
C GLU A 44 -20.83 -16.78 13.77
N GLY A 45 -20.50 -17.13 12.53
CA GLY A 45 -21.37 -18.00 11.77
C GLY A 45 -22.28 -17.34 10.74
N GLY A 46 -22.17 -16.02 10.58
CA GLY A 46 -23.03 -15.37 9.61
C GLY A 46 -22.57 -15.58 8.18
N ASN A 47 -23.49 -15.49 7.22
CA ASN A 47 -23.10 -15.65 5.83
C ASN A 47 -22.71 -14.29 5.23
N ALA A 48 -22.35 -14.28 3.95
CA ALA A 48 -21.91 -13.04 3.30
C ALA A 48 -22.93 -11.91 3.42
N VAL A 49 -24.20 -12.23 3.23
CA VAL A 49 -25.25 -11.21 3.33
C VAL A 49 -25.34 -10.67 4.75
N ASP A 50 -25.29 -11.55 5.74
CA ASP A 50 -25.35 -11.10 7.13
C ASP A 50 -24.23 -10.10 7.41
N ALA A 51 -23.01 -10.47 7.05
CA ALA A 51 -21.85 -9.62 7.27
C ALA A 51 -21.94 -8.31 6.49
N ALA A 52 -22.43 -8.38 5.25
CA ALA A 52 -22.57 -7.19 4.42
C ALA A 52 -23.50 -6.18 5.08
N VAL A 53 -24.62 -6.65 5.64
CA VAL A 53 -25.55 -5.75 6.29
C VAL A 53 -24.92 -5.17 7.57
N ALA A 54 -24.17 -5.99 8.31
CA ALA A 54 -23.53 -5.50 9.54
C ALA A 54 -22.51 -4.41 9.18
N VAL A 55 -21.79 -4.62 8.09
CA VAL A 55 -20.79 -3.65 7.64
C VAL A 55 -21.49 -2.37 7.20
N GLY A 56 -22.62 -2.54 6.52
CA GLY A 56 -23.39 -1.39 6.05
C GLY A 56 -23.88 -0.54 7.21
N TYR A 57 -24.33 -1.18 8.28
CA TYR A 57 -24.78 -0.42 9.44
C TYR A 57 -23.58 0.19 10.16
N ALA A 58 -22.48 -0.55 10.26
CA ALA A 58 -21.28 -0.05 10.93
C ALA A 58 -20.76 1.22 10.24
N LEU A 59 -20.65 1.16 8.91
CA LEU A 59 -20.17 2.31 8.15
C LEU A 59 -21.08 3.52 8.33
N ALA A 60 -22.37 3.29 8.58
CA ALA A 60 -23.32 4.38 8.78
C ALA A 60 -22.97 5.16 10.05
N VAL A 61 -22.15 4.55 10.91
CA VAL A 61 -21.73 5.19 12.16
C VAL A 61 -20.29 5.69 12.05
N THR A 62 -19.40 4.84 11.57
CA THR A 62 -17.98 5.17 11.46
C THR A 62 -17.54 5.91 10.19
N HIS A 63 -18.39 5.95 9.18
CA HIS A 63 -18.04 6.62 7.93
C HIS A 63 -19.21 7.49 7.47
N PRO A 64 -19.60 8.48 8.28
CA PRO A 64 -20.71 9.38 7.94
C PRO A 64 -20.56 10.09 6.60
N GLN A 65 -19.35 10.07 6.05
CA GLN A 65 -19.08 10.69 4.76
C GLN A 65 -19.95 10.06 3.68
N ALA A 66 -20.09 8.73 3.73
CA ALA A 66 -20.86 7.99 2.73
C ALA A 66 -21.68 6.84 3.32
N GLY A 67 -21.12 6.18 4.34
CA GLY A 67 -21.87 5.11 4.99
C GLY A 67 -23.13 5.83 5.45
N ASN A 68 -24.28 5.15 5.47
CA ASN A 68 -25.49 5.88 5.82
C ASN A 68 -26.73 5.06 6.12
N LEU A 69 -27.74 5.78 6.61
CA LEU A 69 -29.08 5.26 6.88
C LEU A 69 -30.00 6.22 6.13
N GLY A 70 -29.49 7.42 5.85
CA GLY A 70 -30.27 8.43 5.18
C GLY A 70 -29.99 8.59 3.69
N GLY A 71 -29.39 7.58 3.09
CA GLY A 71 -29.07 7.63 1.66
C GLY A 71 -29.59 6.42 0.91
N GLY A 72 -28.79 5.91 -0.02
CA GLY A 72 -29.21 4.76 -0.80
C GLY A 72 -28.05 4.11 -1.54
N GLY A 73 -28.31 3.01 -2.22
CA GLY A 73 -27.24 2.34 -2.94
C GLY A 73 -27.68 1.08 -3.67
N PHE A 74 -26.70 0.27 -4.08
CA PHE A 74 -26.97 -0.97 -4.80
C PHE A 74 -26.22 -2.13 -4.18
N MSE A 75 -26.74 -3.34 -4.37
CA MSE A 75 -26.10 -4.54 -3.85
C MSE A 75 -26.16 -5.65 -4.89
O MSE A 75 -27.20 -5.88 -5.51
CB MSE A 75 -26.78 -5.01 -2.57
CG MSE A 75 -26.14 -6.26 -1.96
SE MSE A 75 -27.09 -6.95 -0.42
CE MSE A 75 -27.44 -5.26 0.43
N LEU A 76 -25.04 -6.35 -5.06
CA LEU A 76 -24.97 -7.47 -5.98
C LEU A 76 -24.73 -8.68 -5.09
N ILE A 77 -25.54 -9.71 -5.26
CA ILE A 77 -25.42 -10.92 -4.45
C ILE A 77 -25.27 -12.16 -5.32
N ARG A 78 -24.25 -12.97 -5.03
CA ARG A 78 -24.11 -14.21 -5.77
C ARG A 78 -23.94 -15.36 -4.78
N SER A 79 -24.93 -16.25 -4.77
CA SER A 79 -24.92 -17.40 -3.88
C SER A 79 -23.90 -18.42 -4.34
N LYS A 80 -23.47 -19.27 -3.42
CA LYS A 80 -22.51 -20.31 -3.73
C LYS A 80 -23.08 -21.25 -4.80
N ASN A 81 -24.40 -21.24 -4.94
CA ASN A 81 -25.08 -22.09 -5.90
C ASN A 81 -25.17 -21.47 -7.30
N GLY A 82 -24.66 -20.25 -7.45
CA GLY A 82 -24.68 -19.59 -8.74
C GLY A 82 -25.72 -18.51 -8.95
N ASN A 83 -26.79 -18.54 -8.14
CA ASN A 83 -27.86 -17.56 -8.27
C ASN A 83 -27.28 -16.16 -8.06
N THR A 84 -27.41 -15.30 -9.08
CA THR A 84 -26.89 -13.93 -8.99
C THR A 84 -28.05 -12.95 -9.13
N THR A 85 -28.16 -12.02 -8.18
CA THR A 85 -29.25 -11.07 -8.20
C THR A 85 -28.81 -9.68 -7.75
N ALA A 86 -29.61 -8.67 -8.08
CA ALA A 86 -29.28 -7.30 -7.71
C ALA A 86 -30.37 -6.66 -6.87
N ILE A 87 -29.97 -5.90 -5.86
CA ILE A 87 -30.92 -5.20 -5.02
C ILE A 87 -30.78 -3.71 -5.29
N ASP A 88 -31.88 -3.10 -5.72
CA ASP A 88 -31.92 -1.68 -6.02
C ASP A 88 -32.54 -0.93 -4.85
N PHE A 89 -31.72 -0.22 -4.08
CA PHE A 89 -32.26 0.57 -2.99
C PHE A 89 -31.83 2.03 -3.11
N ARG A 90 -31.90 2.51 -4.35
CA ARG A 90 -31.56 3.88 -4.71
C ARG A 90 -32.71 4.75 -4.21
N GLU A 91 -32.44 5.98 -3.79
CA GLU A 91 -33.49 6.85 -3.30
C GLU A 91 -34.52 7.16 -4.39
N MSE A 92 -35.75 7.45 -3.97
CA MSE A 92 -36.83 7.80 -4.87
C MSE A 92 -37.19 9.26 -4.65
O MSE A 92 -37.29 9.72 -3.50
CB MSE A 92 -38.09 6.96 -4.59
CG MSE A 92 -38.00 5.49 -4.97
SE MSE A 92 -39.57 4.52 -4.36
CE MSE A 92 -40.84 5.25 -5.62
N ALA A 93 -37.37 10.02 -5.73
CA ALA A 93 -37.74 11.42 -5.60
C ALA A 93 -39.10 11.48 -4.91
N PRO A 94 -39.32 12.49 -4.06
CA PRO A 94 -40.60 12.63 -3.35
C PRO A 94 -41.77 12.74 -4.32
N ALA A 95 -42.97 12.41 -3.83
CA ALA A 95 -44.17 12.47 -4.65
C ALA A 95 -44.42 13.87 -5.17
N LYS A 96 -44.09 14.88 -4.36
CA LYS A 96 -44.30 16.28 -4.75
C LYS A 96 -43.16 16.85 -5.58
N ALA A 97 -42.23 16.01 -6.02
CA ALA A 97 -41.11 16.47 -6.82
C ALA A 97 -41.59 16.91 -8.21
N THR A 98 -41.02 18.00 -8.72
CA THR A 98 -41.38 18.51 -10.03
C THR A 98 -40.16 18.73 -10.90
N ARG A 99 -40.36 18.59 -12.20
CA ARG A 99 -39.30 18.74 -13.20
C ARG A 99 -38.43 19.98 -13.10
N ASP A 100 -39.03 21.12 -12.75
CA ASP A 100 -38.30 22.38 -12.64
C ASP A 100 -38.14 22.87 -11.21
N MSE A 101 -38.22 21.97 -10.26
CA MSE A 101 -38.10 22.35 -8.85
C MSE A 101 -36.76 22.97 -8.49
O MSE A 101 -36.63 23.60 -7.43
CB MSE A 101 -38.34 21.13 -7.97
CG MSE A 101 -37.29 20.07 -8.09
SE MSE A 101 -37.74 18.55 -7.02
CE MSE A 101 -37.37 19.29 -5.28
N PHE A 102 -35.76 22.81 -9.34
CA PHE A 102 -34.43 23.36 -9.06
C PHE A 102 -34.01 24.53 -9.94
N LEU A 103 -34.96 25.13 -10.65
CA LEU A 103 -34.66 26.26 -11.51
C LEU A 103 -34.99 27.58 -10.84
N ASP A 104 -34.07 28.53 -10.92
CA ASP A 104 -34.28 29.85 -10.32
C ASP A 104 -35.34 30.61 -11.12
N ASP A 105 -35.26 31.93 -11.11
CA ASP A 105 -36.22 32.76 -11.83
C ASP A 105 -35.84 32.90 -13.31
N GLN A 106 -34.54 32.92 -13.59
CA GLN A 106 -34.06 33.05 -14.95
C GLN A 106 -34.26 31.75 -15.72
N GLY A 107 -34.49 30.67 -14.99
CA GLY A 107 -34.69 29.38 -15.61
C GLY A 107 -33.44 28.51 -15.59
N ASN A 108 -32.43 28.96 -14.87
CA ASN A 108 -31.17 28.21 -14.77
C ASN A 108 -31.11 27.44 -13.46
N PRO A 109 -30.59 26.20 -13.50
CA PRO A 109 -30.47 25.33 -12.33
C PRO A 109 -29.74 26.00 -11.16
N ASP A 110 -30.28 25.84 -9.96
CA ASP A 110 -29.69 26.42 -8.76
C ASP A 110 -29.02 25.29 -7.96
N SER A 111 -27.75 25.04 -8.25
CA SER A 111 -26.99 23.99 -7.59
C SER A 111 -27.18 23.99 -6.08
N LYS A 112 -27.16 25.19 -5.48
CA LYS A 112 -27.34 25.32 -4.04
C LYS A 112 -28.58 24.59 -3.53
N LYS A 113 -29.67 24.65 -4.30
CA LYS A 113 -30.91 24.01 -3.89
C LYS A 113 -30.89 22.50 -4.00
N SER A 114 -30.23 21.98 -5.03
CA SER A 114 -30.17 20.53 -5.23
C SER A 114 -28.99 19.87 -4.49
N LEU A 115 -28.26 20.64 -3.71
CA LEU A 115 -27.12 20.10 -2.97
C LEU A 115 -27.09 20.39 -1.48
N THR A 116 -27.52 21.58 -1.08
CA THR A 116 -27.48 21.96 0.32
C THR A 116 -28.81 22.27 1.01
N SER A 117 -29.89 22.42 0.25
CA SER A 117 -31.19 22.73 0.85
C SER A 117 -31.92 21.42 1.16
N HIS A 118 -33.02 21.52 1.90
CA HIS A 118 -33.80 20.35 2.27
C HIS A 118 -34.50 19.73 1.05
N LEU A 119 -34.45 20.44 -0.07
CA LEU A 119 -35.07 19.96 -1.31
C LEU A 119 -34.18 18.99 -2.08
N ALA A 120 -32.92 18.89 -1.66
CA ALA A 120 -31.96 18.03 -2.34
C ALA A 120 -32.05 16.56 -1.97
N SER A 121 -32.89 16.23 -0.99
CA SER A 121 -33.01 14.85 -0.53
C SER A 121 -34.05 13.98 -1.21
N GLY A 122 -33.65 12.73 -1.46
CA GLY A 122 -34.55 11.76 -2.04
C GLY A 122 -34.96 10.88 -0.88
N THR A 123 -36.02 10.10 -1.03
CA THR A 123 -36.46 9.21 0.05
C THR A 123 -35.40 8.11 0.22
N PRO A 124 -34.81 8.01 1.43
CA PRO A 124 -33.77 7.01 1.75
C PRO A 124 -34.17 5.56 1.54
N GLY A 125 -33.26 4.77 0.96
CA GLY A 125 -33.56 3.37 0.71
C GLY A 125 -32.66 2.36 1.39
N THR A 126 -31.54 2.80 1.95
CA THR A 126 -30.59 1.90 2.60
C THR A 126 -31.20 0.90 3.59
N VAL A 127 -32.01 1.39 4.54
CA VAL A 127 -32.61 0.49 5.52
C VAL A 127 -33.51 -0.56 4.86
N ALA A 128 -34.29 -0.14 3.87
CA ALA A 128 -35.18 -1.06 3.17
C ALA A 128 -34.37 -2.08 2.37
N GLY A 129 -33.35 -1.60 1.67
CA GLY A 129 -32.51 -2.49 0.87
C GLY A 129 -31.82 -3.56 1.71
N PHE A 130 -31.26 -3.17 2.85
CA PHE A 130 -30.57 -4.13 3.71
C PHE A 130 -31.54 -5.16 4.29
N SER A 131 -32.75 -4.73 4.65
CA SER A 131 -33.73 -5.67 5.20
C SER A 131 -34.25 -6.64 4.15
N LEU A 132 -34.43 -6.15 2.93
CA LEU A 132 -34.90 -7.01 1.85
C LEU A 132 -33.87 -8.11 1.66
N ALA A 133 -32.60 -7.72 1.64
CA ALA A 133 -31.51 -8.67 1.47
C ALA A 133 -31.39 -9.62 2.65
N LEU A 134 -31.33 -9.07 3.86
CA LEU A 134 -31.19 -9.87 5.06
C LEU A 134 -32.30 -10.90 5.22
N ASP A 135 -33.54 -10.47 5.03
CA ASP A 135 -34.70 -11.35 5.18
C ASP A 135 -34.72 -12.51 4.18
N LYS A 136 -34.38 -12.22 2.93
CA LYS A 136 -34.40 -13.24 1.90
C LYS A 136 -33.14 -14.08 1.73
N TYR A 137 -31.97 -13.44 1.85
CA TYR A 137 -30.70 -14.15 1.66
C TYR A 137 -29.81 -14.27 2.89
N GLY A 138 -30.19 -13.63 3.99
CA GLY A 138 -29.37 -13.72 5.20
C GLY A 138 -29.82 -14.86 6.10
N THR A 139 -29.21 -14.95 7.28
CA THR A 139 -29.57 -16.02 8.23
C THR A 139 -29.67 -15.48 9.66
N MSE A 140 -29.29 -14.22 9.86
CA MSE A 140 -29.34 -13.62 11.19
C MSE A 140 -30.46 -12.60 11.34
O MSE A 140 -30.90 -12.00 10.36
CB MSE A 140 -28.01 -12.92 11.51
CG MSE A 140 -26.81 -13.82 11.65
SE MSE A 140 -25.23 -12.80 12.17
CE MSE A 140 -24.18 -12.99 10.63
N PRO A 141 -30.95 -12.39 12.57
CA PRO A 141 -32.02 -11.42 12.79
C PRO A 141 -31.38 -10.02 12.72
N LEU A 142 -32.16 -9.05 12.28
CA LEU A 142 -31.66 -7.68 12.12
C LEU A 142 -30.96 -7.12 13.37
N ASN A 143 -31.52 -7.37 14.54
CA ASN A 143 -30.92 -6.85 15.78
C ASN A 143 -29.50 -7.35 15.97
N LYS A 144 -29.21 -8.56 15.51
CA LYS A 144 -27.88 -9.13 15.65
C LYS A 144 -26.83 -8.43 14.77
N VAL A 145 -27.21 -8.08 13.54
CA VAL A 145 -26.27 -7.43 12.64
C VAL A 145 -26.20 -5.92 12.87
N VAL A 146 -27.17 -5.38 13.61
CA VAL A 146 -27.18 -3.94 13.90
C VAL A 146 -26.44 -3.62 15.21
N GLN A 147 -26.43 -4.58 16.14
CA GLN A 147 -25.77 -4.41 17.43
C GLN A 147 -24.36 -3.81 17.39
N PRO A 148 -23.47 -4.29 16.48
CA PRO A 148 -22.12 -3.72 16.46
C PRO A 148 -22.13 -2.21 16.20
N ALA A 149 -22.96 -1.78 15.25
CA ALA A 149 -23.10 -0.37 14.90
C ALA A 149 -23.71 0.40 16.06
N PHE A 150 -24.69 -0.20 16.72
CA PHE A 150 -25.35 0.43 17.86
C PHE A 150 -24.34 0.80 18.94
N LYS A 151 -23.46 -0.15 19.28
CA LYS A 151 -22.44 0.08 20.30
C LYS A 151 -21.49 1.18 19.88
N LEU A 152 -21.08 1.16 18.62
CA LEU A 152 -20.16 2.18 18.10
C LEU A 152 -20.78 3.57 18.24
N ALA A 153 -22.08 3.66 17.98
CA ALA A 153 -22.78 4.94 18.09
C ALA A 153 -22.94 5.38 19.54
N ARG A 154 -23.38 4.46 20.39
CA ARG A 154 -23.60 4.72 21.81
C ARG A 154 -22.33 4.97 22.62
N ASP A 155 -21.33 4.12 22.44
CA ASP A 155 -20.09 4.25 23.20
C ASP A 155 -19.04 5.10 22.51
N GLY A 156 -19.24 5.35 21.22
CA GLY A 156 -18.31 6.17 20.45
C GLY A 156 -17.05 5.45 19.98
N PHE A 157 -16.31 6.12 19.10
CA PHE A 157 -15.07 5.59 18.56
C PHE A 157 -14.10 6.74 18.31
N ILE A 158 -12.82 6.40 18.16
CA ILE A 158 -11.78 7.40 17.94
C ILE A 158 -11.75 7.91 16.50
N VAL A 159 -11.74 9.22 16.35
CA VAL A 159 -11.68 9.83 15.03
C VAL A 159 -10.28 9.61 14.46
N ASN A 160 -10.21 9.01 13.27
CA ASN A 160 -8.93 8.74 12.63
C ASN A 160 -8.58 9.83 11.62
N ASP A 161 -7.53 9.61 10.84
CA ASP A 161 -7.11 10.59 9.85
C ASP A 161 -8.15 10.85 8.77
N ALA A 162 -8.76 9.78 8.25
CA ALA A 162 -9.76 9.90 7.20
C ALA A 162 -10.94 10.76 7.61
N LEU A 163 -11.57 10.42 8.72
CA LEU A 163 -12.72 11.16 9.19
C LEU A 163 -12.32 12.59 9.54
N ALA A 164 -11.19 12.75 10.23
CA ALA A 164 -10.72 14.09 10.61
C ALA A 164 -10.56 14.97 9.37
N ASP A 165 -9.80 14.48 8.39
CA ASP A 165 -9.56 15.24 7.16
C ASP A 165 -10.85 15.53 6.38
N ASP A 166 -11.76 14.57 6.32
CA ASP A 166 -13.01 14.78 5.60
C ASP A 166 -13.93 15.79 6.29
N LEU A 167 -13.97 15.74 7.62
CA LEU A 167 -14.81 16.67 8.37
C LEU A 167 -14.30 18.09 8.12
N LYS A 168 -12.99 18.25 8.15
CA LYS A 168 -12.34 19.53 7.94
C LYS A 168 -12.52 20.07 6.53
N THR A 169 -12.30 19.21 5.54
CA THR A 169 -12.42 19.60 4.15
C THR A 169 -13.86 19.74 3.63
N TYR A 170 -14.59 18.63 3.61
CA TYR A 170 -15.96 18.63 3.11
C TYR A 170 -17.02 18.98 4.16
N GLY A 171 -16.79 18.57 5.39
CA GLY A 171 -17.75 18.84 6.45
C GLY A 171 -17.96 20.32 6.73
N SER A 172 -16.88 21.08 6.68
CA SER A 172 -16.93 22.51 6.95
C SER A 172 -17.92 23.26 6.08
N GLU A 173 -18.18 22.75 4.88
CA GLU A 173 -19.09 23.39 3.96
C GLU A 173 -20.59 23.23 4.27
N VAL A 174 -20.96 22.23 5.07
CA VAL A 174 -22.37 22.03 5.35
C VAL A 174 -22.79 21.71 6.80
N LEU A 175 -22.02 20.86 7.48
CA LEU A 175 -22.35 20.47 8.84
C LEU A 175 -22.54 21.62 9.85
N PRO A 176 -21.60 22.56 9.93
CA PRO A 176 -21.76 23.65 10.88
C PRO A 176 -22.92 24.60 10.60
N ASN A 177 -23.55 24.45 9.43
CA ASN A 177 -24.66 25.31 9.05
C ASN A 177 -26.03 24.78 9.47
N HIS A 178 -26.02 23.76 10.33
CA HIS A 178 -27.24 23.15 10.84
C HIS A 178 -26.98 22.81 12.29
N GLU A 179 -27.75 23.42 13.19
CA GLU A 179 -27.59 23.20 14.63
C GLU A 179 -27.47 21.75 15.08
N ASN A 180 -28.37 20.89 14.64
CA ASN A 180 -28.30 19.51 15.08
C ASN A 180 -27.08 18.77 14.50
N SER A 181 -26.70 19.09 13.27
CA SER A 181 -25.53 18.46 12.66
C SER A 181 -24.27 18.94 13.37
N LYS A 182 -24.22 20.24 13.63
CA LYS A 182 -23.07 20.83 14.29
C LYS A 182 -22.86 20.28 15.70
N ALA A 183 -23.95 20.07 16.42
CA ALA A 183 -23.90 19.53 17.78
C ALA A 183 -23.26 18.16 17.84
N ILE A 184 -23.28 17.44 16.73
CA ILE A 184 -22.71 16.10 16.68
C ILE A 184 -21.27 16.01 16.17
N PHE A 185 -21.01 16.67 15.04
CA PHE A 185 -19.70 16.61 14.40
C PHE A 185 -18.71 17.74 14.69
N TRP A 186 -19.16 18.82 15.30
CA TRP A 186 -18.28 19.94 15.63
C TRP A 186 -18.00 19.94 17.14
N LYS A 187 -16.86 20.48 17.52
CA LYS A 187 -16.47 20.55 18.93
C LYS A 187 -15.62 21.79 19.17
N GLU A 188 -15.97 22.57 20.19
CA GLU A 188 -15.22 23.78 20.52
C GLU A 188 -15.02 24.67 19.28
N GLY A 189 -16.08 24.81 18.49
CA GLY A 189 -16.03 25.65 17.30
C GLY A 189 -15.26 25.10 16.09
N GLU A 190 -14.73 23.89 16.20
CA GLU A 190 -13.97 23.31 15.09
C GLU A 190 -14.43 21.88 14.83
N PRO A 191 -14.16 21.38 13.62
CA PRO A 191 -14.59 20.00 13.37
C PRO A 191 -13.80 19.07 14.29
N LEU A 192 -14.34 17.91 14.62
CA LEU A 192 -13.63 16.97 15.47
C LEU A 192 -12.28 16.67 14.83
N LYS A 193 -11.25 16.51 15.65
CA LYS A 193 -9.90 16.23 15.16
C LYS A 193 -9.50 14.80 15.45
N LYS A 194 -8.46 14.32 14.77
CA LYS A 194 -7.96 12.97 14.99
C LYS A 194 -7.70 12.81 16.48
N GLY A 195 -8.07 11.66 17.03
CA GLY A 195 -7.85 11.45 18.46
C GLY A 195 -9.08 11.74 19.28
N ASP A 196 -9.95 12.63 18.80
CA ASP A 196 -11.18 12.96 19.52
C ASP A 196 -12.11 11.74 19.48
N THR A 197 -13.07 11.69 20.39
CA THR A 197 -14.01 10.58 20.41
C THR A 197 -15.34 11.07 19.88
N LEU A 198 -15.92 10.32 18.96
CA LEU A 198 -17.20 10.69 18.38
C LEU A 198 -18.30 9.78 18.91
N VAL A 199 -19.19 10.35 19.70
CA VAL A 199 -20.32 9.64 20.27
C VAL A 199 -21.54 10.18 19.54
N GLN A 200 -22.41 9.29 19.09
CA GLN A 200 -23.62 9.70 18.38
C GLN A 200 -24.84 9.09 19.06
N ALA A 201 -25.24 9.69 20.18
CA ALA A 201 -26.37 9.21 20.97
C ALA A 201 -27.69 9.11 20.23
N ASN A 202 -28.01 10.11 19.42
CA ASN A 202 -29.26 10.09 18.67
C ASN A 202 -29.28 8.98 17.63
N LEU A 203 -28.15 8.79 16.95
CA LEU A 203 -28.06 7.73 15.96
C LEU A 203 -28.18 6.39 16.65
N ALA A 204 -27.58 6.28 17.84
CA ALA A 204 -27.66 5.05 18.62
C ALA A 204 -29.12 4.73 18.91
N LYS A 205 -29.90 5.76 19.23
CA LYS A 205 -31.32 5.58 19.52
C LYS A 205 -32.05 5.06 18.29
N SER A 206 -31.75 5.64 17.13
CA SER A 206 -32.38 5.21 15.88
C SER A 206 -32.05 3.75 15.60
N LEU A 207 -30.77 3.41 15.75
CA LEU A 207 -30.30 2.05 15.52
C LEU A 207 -30.97 1.05 16.47
N GLU A 208 -31.08 1.45 17.74
CA GLU A 208 -31.70 0.60 18.75
C GLU A 208 -33.17 0.32 18.40
N MSE A 209 -33.86 1.35 17.91
CA MSE A 209 -35.28 1.21 17.55
C MSE A 209 -35.46 0.36 16.30
O MSE A 209 -36.44 -0.37 16.16
CB MSE A 209 -35.90 2.59 17.35
CG MSE A 209 -36.01 3.42 18.62
SE MSE A 209 -37.11 2.55 19.97
CE MSE A 209 -38.84 3.23 19.42
N ILE A 210 -34.52 0.46 15.36
CA ILE A 210 -34.59 -0.32 14.14
C ILE A 210 -34.34 -1.79 14.49
N ALA A 211 -33.34 -2.03 15.33
CA ALA A 211 -33.02 -3.40 15.74
C ALA A 211 -34.21 -4.02 16.47
N GLU A 212 -34.93 -3.19 17.21
CA GLU A 212 -36.08 -3.66 17.99
C GLU A 212 -37.37 -3.81 17.21
N ASN A 213 -37.69 -2.85 16.35
CA ASN A 213 -38.93 -2.90 15.60
C ASN A 213 -38.81 -3.17 14.10
N GLY A 214 -37.61 -3.41 13.62
CA GLY A 214 -37.44 -3.69 12.20
C GLY A 214 -37.42 -2.44 11.34
N PRO A 215 -37.34 -2.59 10.01
CA PRO A 215 -37.32 -1.45 9.09
C PRO A 215 -38.49 -0.48 9.15
N ASP A 216 -39.64 -0.93 9.63
CA ASP A 216 -40.81 -0.04 9.71
C ASP A 216 -40.51 1.16 10.59
N GLU A 217 -39.62 0.98 11.56
CA GLU A 217 -39.25 2.05 12.45
C GLU A 217 -38.77 3.24 11.62
N PHE A 218 -37.99 2.95 10.58
CA PHE A 218 -37.45 3.98 9.71
C PHE A 218 -38.48 4.52 8.73
N TYR A 219 -39.28 3.63 8.16
CA TYR A 219 -40.27 4.02 7.17
C TYR A 219 -41.68 4.38 7.64
N LYS A 220 -42.05 3.95 8.84
CA LYS A 220 -43.38 4.23 9.37
C LYS A 220 -43.39 4.67 10.82
N GLY A 221 -42.26 4.52 11.50
CA GLY A 221 -42.20 4.89 12.91
C GLY A 221 -41.61 6.23 13.30
N THR A 222 -40.98 6.25 14.46
CA THR A 222 -40.36 7.44 15.02
C THR A 222 -39.40 8.13 14.06
N ILE A 223 -38.46 7.37 13.50
CA ILE A 223 -37.51 7.94 12.56
C ILE A 223 -38.26 8.59 11.40
N ALA A 224 -39.28 7.91 10.90
CA ALA A 224 -40.08 8.44 9.80
C ALA A 224 -40.66 9.80 10.19
N GLU A 225 -41.18 9.87 11.41
CA GLU A 225 -41.76 11.11 11.94
C GLU A 225 -40.69 12.19 12.00
N GLN A 226 -39.49 11.83 12.45
CA GLN A 226 -38.38 12.76 12.56
C GLN A 226 -37.93 13.31 11.22
N ILE A 227 -37.97 12.48 10.18
CA ILE A 227 -37.56 12.93 8.84
C ILE A 227 -38.62 13.87 8.28
N ALA A 228 -39.89 13.51 8.45
CA ALA A 228 -41.01 14.30 7.97
C ALA A 228 -41.06 15.69 8.62
N GLN A 229 -40.88 15.74 9.94
CA GLN A 229 -40.89 17.01 10.65
C GLN A 229 -39.77 17.89 10.16
N GLU A 230 -38.57 17.32 10.06
CA GLU A 230 -37.40 18.06 9.59
C GLU A 230 -37.71 18.70 8.25
N MSE A 231 -38.37 17.94 7.37
CA MSE A 231 -38.73 18.42 6.05
C MSE A 231 -39.85 19.47 6.10
O MSE A 231 -39.71 20.56 5.54
CB MSE A 231 -39.19 17.26 5.18
CG MSE A 231 -38.11 16.25 4.84
SE MSE A 231 -36.70 17.04 3.81
CE MSE A 231 -35.42 17.27 5.22
N GLN A 232 -40.93 19.13 6.78
CA GLN A 232 -42.09 20.02 6.91
C GLN A 232 -41.74 21.38 7.49
N LYS A 233 -40.80 21.40 8.42
CA LYS A 233 -40.40 22.66 9.08
C LYS A 233 -39.30 23.43 8.35
N ASN A 234 -38.73 22.85 7.30
CA ASN A 234 -37.66 23.53 6.57
C ASN A 234 -37.83 23.55 5.06
N GLY A 235 -39.07 23.46 4.59
CA GLY A 235 -39.33 23.49 3.16
C GLY A 235 -38.92 22.25 2.39
N GLY A 236 -38.90 21.10 3.06
CA GLY A 236 -38.54 19.85 2.40
C GLY A 236 -39.78 19.20 1.80
N LEU A 237 -39.59 18.16 0.99
CA LEU A 237 -40.71 17.50 0.35
C LEU A 237 -41.03 16.09 0.88
N ILE A 238 -40.04 15.41 1.41
CA ILE A 238 -40.26 14.06 1.92
C ILE A 238 -41.31 14.04 3.01
N THR A 239 -42.41 13.33 2.74
CA THR A 239 -43.51 13.22 3.69
C THR A 239 -43.57 11.79 4.21
N LYS A 240 -44.47 11.54 5.15
CA LYS A 240 -44.62 10.20 5.70
C LYS A 240 -45.18 9.24 4.66
N GLU A 241 -45.89 9.77 3.67
CA GLU A 241 -46.43 8.92 2.61
C GLU A 241 -45.29 8.47 1.71
N ASP A 242 -44.36 9.37 1.41
CA ASP A 242 -43.22 9.06 0.57
C ASP A 242 -42.45 7.90 1.23
N LEU A 243 -42.17 8.05 2.52
CA LEU A 243 -41.45 7.05 3.29
C LEU A 243 -42.20 5.74 3.38
N ALA A 244 -43.52 5.82 3.57
CA ALA A 244 -44.33 4.61 3.67
C ALA A 244 -44.45 3.94 2.31
N ALA A 245 -44.29 4.71 1.25
CA ALA A 245 -44.40 4.17 -0.10
C ALA A 245 -43.07 3.67 -0.68
N TYR A 246 -41.96 3.94 0.00
CA TYR A 246 -40.68 3.49 -0.52
C TYR A 246 -40.58 1.97 -0.57
N LYS A 247 -39.87 1.48 -1.58
CA LYS A 247 -39.67 0.05 -1.73
C LYS A 247 -38.33 -0.21 -2.40
N ALA A 248 -37.56 -1.14 -1.85
CA ALA A 248 -36.29 -1.52 -2.43
C ALA A 248 -36.73 -2.52 -3.49
N VAL A 249 -35.99 -2.62 -4.59
CA VAL A 249 -36.38 -3.54 -5.66
C VAL A 249 -35.30 -4.51 -6.09
N GLU A 250 -35.66 -5.80 -6.12
CA GLU A 250 -34.74 -6.83 -6.56
C GLU A 250 -34.85 -6.88 -8.07
N ARG A 251 -33.74 -6.66 -8.77
CA ARG A 251 -33.74 -6.67 -10.23
C ARG A 251 -32.73 -7.67 -10.80
N THR A 252 -32.94 -8.03 -12.07
CA THR A 252 -32.06 -8.96 -12.76
C THR A 252 -30.77 -8.23 -13.08
N PRO A 253 -29.61 -8.83 -12.77
CA PRO A 253 -28.32 -8.19 -13.05
C PRO A 253 -28.05 -8.07 -14.54
N ILE A 254 -27.24 -7.09 -14.93
CA ILE A 254 -26.86 -6.95 -16.32
C ILE A 254 -25.61 -7.79 -16.39
N SER A 255 -25.46 -8.59 -17.45
CA SER A 255 -24.29 -9.43 -17.57
C SER A 255 -23.78 -9.60 -18.98
N GLY A 256 -22.54 -10.06 -19.08
CA GLY A 256 -21.91 -10.27 -20.36
C GLY A 256 -20.81 -11.31 -20.23
N ASP A 257 -20.18 -11.63 -21.34
CA ASP A 257 -19.10 -12.61 -21.36
C ASP A 257 -17.89 -11.94 -21.99
N TYR A 258 -16.76 -11.98 -21.29
CA TYR A 258 -15.50 -11.39 -21.76
C TYR A 258 -14.42 -12.46 -21.75
N ARG A 259 -14.06 -12.95 -22.94
CA ARG A 259 -13.03 -13.98 -23.09
C ARG A 259 -13.28 -15.23 -22.25
N GLY A 260 -14.55 -15.63 -22.13
CA GLY A 260 -14.85 -16.82 -21.35
C GLY A 260 -15.23 -16.59 -19.90
N TYR A 261 -15.06 -15.36 -19.43
CA TYR A 261 -15.42 -14.98 -18.06
C TYR A 261 -16.79 -14.33 -18.12
N GLN A 262 -17.65 -14.61 -17.15
CA GLN A 262 -18.95 -13.95 -17.14
C GLN A 262 -18.91 -12.81 -16.13
N VAL A 263 -19.33 -11.63 -16.56
CA VAL A 263 -19.35 -10.44 -15.73
C VAL A 263 -20.78 -10.07 -15.35
N TYR A 264 -21.01 -9.88 -14.06
CA TYR A 264 -22.32 -9.51 -13.55
C TYR A 264 -22.22 -8.16 -12.85
N SER A 265 -23.11 -7.24 -13.17
CA SER A 265 -23.08 -5.93 -12.56
C SER A 265 -24.49 -5.35 -12.40
N MSE A 266 -24.57 -4.13 -11.88
CA MSE A 266 -25.84 -3.47 -11.65
C MSE A 266 -26.58 -3.04 -12.91
O MSE A 266 -25.99 -2.46 -13.82
CB MSE A 266 -25.67 -2.23 -10.76
CG MSE A 266 -25.60 -2.50 -9.30
SE MSE A 266 -27.14 -3.46 -8.66
CE MSE A 266 -28.51 -2.19 -9.00
N PRO A 267 -27.89 -3.30 -12.97
CA PRO A 267 -28.72 -2.93 -14.12
C PRO A 267 -29.31 -1.55 -13.85
N PRO A 268 -30.01 -0.97 -14.84
CA PRO A 268 -30.59 0.36 -14.61
C PRO A 268 -31.46 0.21 -13.36
N PRO A 269 -31.64 1.28 -12.56
CA PRO A 269 -31.18 2.68 -12.63
C PRO A 269 -29.68 2.96 -12.64
N SER A 270 -28.85 1.92 -12.59
CA SER A 270 -27.43 2.16 -12.65
C SER A 270 -27.05 2.20 -14.12
N SER A 271 -26.08 3.04 -14.46
CA SER A 271 -25.62 3.13 -15.84
C SER A 271 -24.35 2.32 -16.00
N GLY A 272 -23.57 2.23 -14.92
CA GLY A 272 -22.32 1.50 -14.93
C GLY A 272 -22.33 0.08 -15.47
N GLY A 273 -23.19 -0.77 -14.93
CA GLY A 273 -23.26 -2.15 -15.36
C GLY A 273 -23.30 -2.34 -16.87
N ILE A 274 -24.28 -1.71 -17.52
CA ILE A 274 -24.45 -1.82 -18.95
C ILE A 274 -23.21 -1.38 -19.73
N HIS A 275 -22.62 -0.26 -19.34
CA HIS A 275 -21.46 0.22 -20.05
C HIS A 275 -20.16 -0.51 -19.77
N ILE A 276 -20.09 -1.17 -18.62
CA ILE A 276 -18.89 -1.96 -18.33
C ILE A 276 -18.94 -3.15 -19.28
N VAL A 277 -20.12 -3.73 -19.44
CA VAL A 277 -20.29 -4.87 -20.33
C VAL A 277 -20.06 -4.43 -21.78
N GLN A 278 -20.64 -3.29 -22.14
CA GLN A 278 -20.48 -2.76 -23.50
C GLN A 278 -19.02 -2.53 -23.84
N ILE A 279 -18.29 -1.83 -22.97
CA ILE A 279 -16.89 -1.55 -23.22
C ILE A 279 -16.08 -2.86 -23.30
N LEU A 280 -16.37 -3.79 -22.41
CA LEU A 280 -15.67 -5.08 -22.45
C LEU A 280 -15.95 -5.73 -23.82
N ASN A 281 -17.20 -5.68 -24.26
CA ASN A 281 -17.55 -6.25 -25.57
C ASN A 281 -16.69 -5.64 -26.68
N ILE A 282 -16.45 -4.34 -26.59
CA ILE A 282 -15.64 -3.65 -27.57
C ILE A 282 -14.18 -4.11 -27.47
N LEU A 283 -13.63 -4.07 -26.27
CA LEU A 283 -12.25 -4.47 -26.01
C LEU A 283 -11.94 -5.92 -26.37
N GLU A 284 -12.96 -6.77 -26.34
CA GLU A 284 -12.76 -8.19 -26.66
C GLU A 284 -12.22 -8.38 -28.07
N ASN A 285 -12.50 -7.42 -28.96
CA ASN A 285 -12.04 -7.50 -30.33
C ASN A 285 -10.56 -7.19 -30.48
N PHE A 286 -9.93 -6.81 -29.37
CA PHE A 286 -8.51 -6.48 -29.39
C PHE A 286 -7.73 -7.44 -28.51
N ASP A 287 -6.45 -7.63 -28.81
CA ASP A 287 -5.60 -8.51 -28.04
C ASP A 287 -4.90 -7.65 -26.98
N MSE A 288 -5.69 -7.21 -26.00
CA MSE A 288 -5.18 -6.35 -24.93
C MSE A 288 -3.92 -6.85 -24.25
O MSE A 288 -2.98 -6.08 -24.01
CB MSE A 288 -6.29 -6.13 -23.88
CG MSE A 288 -7.56 -5.52 -24.47
SE MSE A 288 -7.30 -3.74 -25.24
CE MSE A 288 -6.26 -4.18 -26.79
N LYS A 289 -3.88 -8.15 -23.98
CA LYS A 289 -2.75 -8.80 -23.35
C LYS A 289 -1.46 -8.44 -24.09
N LYS A 290 -1.54 -8.44 -25.42
CA LYS A 290 -0.42 -8.12 -26.29
C LYS A 290 0.16 -6.72 -26.08
N TYR A 291 -0.72 -5.73 -25.95
CA TYR A 291 -0.26 -4.36 -25.75
C TYR A 291 0.30 -4.17 -24.35
N GLY A 292 -0.41 -4.69 -23.35
CA GLY A 292 0.07 -4.59 -21.99
C GLY A 292 -0.34 -3.35 -21.23
N PHE A 293 -0.32 -3.46 -19.91
CA PHE A 293 -0.68 -2.36 -19.03
C PHE A 293 0.26 -1.18 -19.22
N GLY A 294 -0.30 0.03 -19.18
CA GLY A 294 0.50 1.23 -19.29
C GLY A 294 1.05 1.56 -20.66
N SER A 295 0.69 0.77 -21.67
CA SER A 295 1.17 1.01 -23.03
C SER A 295 0.26 2.04 -23.70
N ALA A 296 0.83 2.85 -24.59
CA ALA A 296 0.03 3.86 -25.27
C ALA A 296 -1.09 3.21 -26.07
N ASP A 297 -0.80 2.09 -26.70
CA ASP A 297 -1.80 1.41 -27.51
C ASP A 297 -2.99 0.90 -26.69
N ALA A 298 -2.73 0.28 -25.55
CA ALA A 298 -3.83 -0.23 -24.72
C ALA A 298 -4.69 0.92 -24.25
N MSE A 299 -4.04 2.01 -23.83
CA MSE A 299 -4.77 3.17 -23.35
C MSE A 299 -5.55 3.86 -24.46
O MSE A 299 -6.68 4.33 -24.24
CB MSE A 299 -3.78 4.14 -22.68
CG MSE A 299 -3.15 3.56 -21.42
SE MSE A 299 -1.67 4.57 -20.72
CE MSE A 299 -2.65 6.02 -19.91
N GLN A 300 -4.99 3.90 -25.66
CA GLN A 300 -5.67 4.52 -26.80
C GLN A 300 -6.95 3.76 -27.10
N ILE A 301 -6.85 2.45 -27.20
CA ILE A 301 -8.00 1.60 -27.50
C ILE A 301 -9.11 1.73 -26.46
N MSE A 302 -8.74 1.68 -25.19
CA MSE A 302 -9.74 1.80 -24.12
C MSE A 302 -10.33 3.19 -24.04
O MSE A 302 -11.52 3.37 -23.73
CB MSE A 302 -9.14 1.37 -22.79
CG MSE A 302 -8.91 -0.13 -22.70
SE MSE A 302 -8.15 -0.70 -21.02
CE MSE A 302 -9.48 0.04 -19.86
N ALA A 303 -9.50 4.21 -24.28
CA ALA A 303 -9.96 5.59 -24.25
C ALA A 303 -11.02 5.80 -25.33
N GLU A 304 -10.75 5.25 -26.52
CA GLU A 304 -11.66 5.38 -27.64
C GLU A 304 -12.96 4.60 -27.38
N ALA A 305 -12.85 3.38 -26.88
CA ALA A 305 -14.02 2.57 -26.58
C ALA A 305 -14.90 3.28 -25.56
N GLU A 306 -14.27 3.89 -24.57
CA GLU A 306 -15.00 4.62 -23.54
C GLU A 306 -15.81 5.79 -24.10
N LYS A 307 -15.23 6.53 -25.04
CA LYS A 307 -15.94 7.66 -25.64
C LYS A 307 -17.31 7.26 -26.17
N TYR A 308 -17.34 6.21 -26.98
CA TYR A 308 -18.59 5.73 -27.56
C TYR A 308 -19.60 5.28 -26.52
N ALA A 309 -19.11 4.60 -25.48
CA ALA A 309 -20.00 4.11 -24.43
C ALA A 309 -20.60 5.28 -23.64
N TYR A 310 -19.78 6.26 -23.31
CA TYR A 310 -20.27 7.40 -22.56
C TYR A 310 -21.23 8.24 -23.40
N ALA A 311 -21.04 8.22 -24.70
CA ALA A 311 -21.93 8.95 -25.59
C ALA A 311 -23.30 8.28 -25.51
N ASP A 312 -23.31 6.95 -25.61
CA ASP A 312 -24.57 6.21 -25.53
C ASP A 312 -25.23 6.42 -24.17
N ARG A 313 -24.42 6.46 -23.13
CA ARG A 313 -24.90 6.64 -21.77
C ARG A 313 -25.67 7.95 -21.58
N SER A 314 -25.23 9.00 -22.25
CA SER A 314 -25.88 10.31 -22.13
C SER A 314 -27.26 10.33 -22.78
N GLU A 315 -27.52 9.36 -23.66
CA GLU A 315 -28.77 9.32 -24.39
C GLU A 315 -29.82 8.26 -24.03
N TYR A 316 -29.38 7.04 -23.75
CA TYR A 316 -30.32 5.95 -23.48
C TYR A 316 -30.58 5.45 -22.05
N LEU A 317 -29.89 6.00 -21.05
CA LEU A 317 -30.06 5.53 -19.67
C LEU A 317 -31.02 6.28 -18.74
N GLY A 318 -31.77 5.52 -17.95
CA GLY A 318 -32.71 6.11 -17.01
C GLY A 318 -33.37 5.07 -16.12
N ASP A 319 -34.23 5.52 -15.21
CA ASP A 319 -34.93 4.62 -14.30
C ASP A 319 -35.78 3.71 -15.17
N PRO A 320 -35.50 2.40 -15.17
CA PRO A 320 -36.25 1.43 -15.98
C PRO A 320 -37.76 1.40 -15.73
N ASP A 321 -38.18 1.89 -14.57
CA ASP A 321 -39.60 1.90 -14.25
C ASP A 321 -40.33 3.05 -14.93
N PHE A 322 -39.57 3.99 -15.50
CA PHE A 322 -40.14 5.14 -16.17
C PHE A 322 -39.72 5.23 -17.64
N VAL A 323 -38.56 4.67 -17.96
CA VAL A 323 -38.07 4.70 -19.34
C VAL A 323 -37.60 3.32 -19.77
N LYS A 324 -37.82 3.00 -21.04
CA LYS A 324 -37.42 1.72 -21.59
C LYS A 324 -35.96 1.85 -22.05
N VAL A 325 -35.07 1.10 -21.42
CA VAL A 325 -33.65 1.15 -21.77
C VAL A 325 -33.29 0.04 -22.76
N PRO A 326 -32.66 0.41 -23.88
CA PRO A 326 -32.28 -0.56 -24.91
C PRO A 326 -31.03 -1.33 -24.48
N TRP A 327 -31.12 -2.03 -23.36
CA TRP A 327 -29.99 -2.79 -22.83
C TRP A 327 -29.53 -3.91 -23.75
N GLN A 328 -30.46 -4.53 -24.47
CA GLN A 328 -30.11 -5.61 -25.38
C GLN A 328 -29.18 -5.12 -26.48
N ALA A 329 -29.53 -3.97 -27.07
CA ALA A 329 -28.72 -3.39 -28.14
C ALA A 329 -27.37 -2.91 -27.62
N LEU A 330 -27.39 -2.23 -26.47
CA LEU A 330 -26.16 -1.71 -25.87
C LEU A 330 -25.15 -2.78 -25.51
N THR A 331 -25.63 -3.97 -25.13
CA THR A 331 -24.74 -5.08 -24.76
C THR A 331 -24.55 -6.10 -25.88
N ASN A 332 -25.08 -5.79 -27.05
CA ASN A 332 -25.00 -6.66 -28.23
C ASN A 332 -23.56 -6.65 -28.77
N LYS A 333 -23.00 -7.83 -29.02
CA LYS A 333 -21.63 -7.93 -29.51
C LYS A 333 -21.43 -7.49 -30.96
N ALA A 334 -22.49 -7.53 -31.75
CA ALA A 334 -22.39 -7.09 -33.14
C ALA A 334 -22.21 -5.57 -33.10
N TYR A 335 -22.98 -4.92 -32.23
CA TYR A 335 -22.91 -3.47 -32.06
C TYR A 335 -21.51 -3.08 -31.57
N ALA A 336 -20.99 -3.82 -30.59
CA ALA A 336 -19.66 -3.55 -30.06
C ALA A 336 -18.62 -3.67 -31.17
N LYS A 337 -18.81 -4.65 -32.05
CA LYS A 337 -17.88 -4.87 -33.15
C LYS A 337 -17.87 -3.67 -34.10
N SER A 338 -19.05 -3.10 -34.35
CA SER A 338 -19.15 -1.95 -35.24
C SER A 338 -18.39 -0.78 -34.64
N ILE A 339 -18.36 -0.72 -33.31
CA ILE A 339 -17.64 0.35 -32.63
C ILE A 339 -16.15 0.07 -32.69
N ALA A 340 -15.76 -1.17 -32.43
CA ALA A 340 -14.35 -1.55 -32.46
C ALA A 340 -13.72 -1.26 -33.82
N ASP A 341 -14.50 -1.40 -34.89
CA ASP A 341 -13.98 -1.16 -36.24
C ASP A 341 -13.68 0.32 -36.51
N GLN A 342 -14.20 1.19 -35.66
CA GLN A 342 -14.00 2.63 -35.81
C GLN A 342 -12.77 3.11 -35.06
N ILE A 343 -12.21 2.26 -34.21
CA ILE A 343 -11.05 2.64 -33.41
C ILE A 343 -9.73 2.56 -34.18
N ASP A 344 -9.06 3.70 -34.28
CA ASP A 344 -7.76 3.79 -34.96
C ASP A 344 -6.72 3.86 -33.85
N ILE A 345 -5.91 2.82 -33.75
CA ILE A 345 -4.89 2.75 -32.71
C ILE A 345 -3.85 3.86 -32.80
N ASN A 346 -3.74 4.50 -33.97
CA ASN A 346 -2.77 5.57 -34.15
C ASN A 346 -3.35 6.97 -34.23
N LYS A 347 -4.68 7.08 -34.16
CA LYS A 347 -5.31 8.39 -34.24
C LYS A 347 -6.67 8.41 -33.56
N ALA A 348 -6.81 9.29 -32.56
CA ALA A 348 -8.06 9.41 -31.83
C ALA A 348 -9.11 10.18 -32.60
N LYS A 349 -10.37 9.82 -32.40
CA LYS A 349 -11.47 10.50 -33.06
C LYS A 349 -12.05 11.48 -32.05
N PRO A 350 -12.00 12.78 -32.36
CA PRO A 350 -12.53 13.81 -31.47
C PRO A 350 -13.95 13.51 -31.01
N SER A 351 -14.23 13.80 -29.74
CA SER A 351 -15.54 13.57 -29.16
C SER A 351 -16.63 14.32 -29.92
N SER A 352 -16.24 15.41 -30.57
CA SER A 352 -17.19 16.21 -31.33
C SER A 352 -17.75 15.42 -32.52
N GLU A 353 -16.99 14.45 -33.01
CA GLU A 353 -17.42 13.64 -34.15
C GLU A 353 -18.12 12.36 -33.69
N ILE A 354 -18.27 12.20 -32.38
CA ILE A 354 -18.93 11.02 -31.82
C ILE A 354 -20.29 11.34 -31.24
N ARG A 355 -21.29 10.56 -31.63
CA ARG A 355 -22.65 10.76 -31.16
C ARG A 355 -23.22 9.43 -30.66
N PRO A 356 -24.36 9.47 -29.96
CA PRO A 356 -24.93 8.22 -29.47
C PRO A 356 -25.12 7.32 -30.70
N GLY A 357 -24.81 6.04 -30.57
CA GLY A 357 -24.94 5.15 -31.70
C GLY A 357 -26.37 4.85 -32.13
N LYS A 358 -26.51 4.40 -33.38
CA LYS A 358 -27.81 4.03 -33.94
C LYS A 358 -28.02 2.57 -33.56
N LEU A 359 -28.98 2.32 -32.67
CA LEU A 359 -29.23 0.97 -32.19
C LEU A 359 -30.23 0.13 -32.98
N ALA A 360 -30.99 0.77 -33.86
CA ALA A 360 -32.00 0.08 -34.66
C ALA A 360 -31.60 -1.29 -35.20
N PRO A 361 -30.44 -1.38 -35.88
CA PRO A 361 -30.01 -2.67 -36.42
C PRO A 361 -29.57 -3.71 -35.39
N TYR A 362 -29.81 -3.45 -34.11
CA TYR A 362 -29.40 -4.38 -33.08
C TYR A 362 -30.51 -4.67 -32.08
N GLU A 363 -31.74 -4.31 -32.43
CA GLU A 363 -32.86 -4.55 -31.54
C GLU A 363 -33.90 -5.45 -32.21
N THR B 1 -19.80 8.50 -1.53
CA THR B 1 -20.06 7.11 -1.99
C THR B 1 -18.97 6.19 -1.48
N THR B 2 -19.33 4.94 -1.20
CA THR B 2 -18.34 3.98 -0.72
C THR B 2 -18.74 2.57 -1.13
N HIS B 3 -17.73 1.72 -1.35
CA HIS B 3 -17.98 0.34 -1.74
C HIS B 3 -17.28 -0.66 -0.83
N TYR B 4 -17.94 -1.79 -0.58
CA TYR B 4 -17.31 -2.84 0.22
C TYR B 4 -17.71 -4.20 -0.36
N SER B 5 -16.82 -5.17 -0.18
CA SER B 5 -17.05 -6.51 -0.70
C SER B 5 -16.91 -7.53 0.43
N VAL B 6 -17.66 -8.63 0.31
CA VAL B 6 -17.64 -9.69 1.31
C VAL B 6 -17.75 -11.07 0.67
N VAL B 7 -16.96 -12.02 1.17
CA VAL B 7 -17.00 -13.42 0.71
C VAL B 7 -16.90 -14.30 1.96
N ASP B 8 -17.85 -15.23 2.12
CA ASP B 8 -17.82 -16.10 3.29
C ASP B 8 -17.23 -17.49 2.99
N LYS B 9 -17.07 -18.29 4.05
CA LYS B 9 -16.50 -19.64 3.96
C LYS B 9 -17.21 -20.61 3.03
N ASP B 10 -18.48 -20.35 2.75
CA ASP B 10 -19.27 -21.22 1.87
C ASP B 10 -19.14 -20.79 0.41
N GLY B 11 -18.49 -19.66 0.18
CA GLY B 11 -18.32 -19.18 -1.17
C GLY B 11 -19.40 -18.20 -1.61
N ASN B 12 -20.24 -17.75 -0.70
CA ASN B 12 -21.27 -16.76 -1.05
C ASN B 12 -20.54 -15.43 -1.13
N ALA B 13 -21.00 -14.53 -2.00
CA ALA B 13 -20.34 -13.24 -2.15
C ALA B 13 -21.33 -12.08 -2.22
N VAL B 14 -20.91 -10.93 -1.74
CA VAL B 14 -21.75 -9.73 -1.78
C VAL B 14 -20.88 -8.51 -2.08
N ALA B 15 -21.40 -7.63 -2.92
CA ALA B 15 -20.72 -6.39 -3.28
C ALA B 15 -21.75 -5.29 -3.08
N VAL B 16 -21.41 -4.32 -2.26
CA VAL B 16 -22.33 -3.22 -1.97
C VAL B 16 -21.70 -1.86 -2.21
N THR B 17 -22.42 -1.00 -2.93
CA THR B 17 -21.96 0.36 -3.14
C THR B 17 -23.14 1.23 -2.71
N TYR B 18 -22.92 2.10 -1.73
CA TYR B 18 -23.99 2.99 -1.30
C TYR B 18 -23.48 4.38 -0.99
N THR B 19 -24.37 5.36 -0.91
CA THR B 19 -23.93 6.74 -0.73
C THR B 19 -25.01 7.74 -0.29
N LEU B 20 -24.55 8.97 -0.01
CA LEU B 20 -25.40 10.09 0.36
C LEU B 20 -25.30 11.06 -0.82
N ASN B 21 -24.54 10.63 -1.82
CA ASN B 21 -24.24 11.38 -3.05
C ASN B 21 -22.91 12.07 -2.80
N THR B 22 -22.92 13.32 -2.33
CA THR B 22 -21.68 14.02 -2.05
C THR B 22 -21.22 13.66 -0.62
N THR B 23 -20.01 14.08 -0.25
CA THR B 23 -19.48 13.78 1.09
C THR B 23 -20.37 14.40 2.17
N PHE B 24 -20.93 13.57 3.04
CA PHE B 24 -21.82 14.01 4.10
C PHE B 24 -23.18 14.44 3.54
N GLY B 25 -23.35 14.31 2.23
CA GLY B 25 -24.60 14.71 1.60
C GLY B 25 -24.91 16.18 1.85
N THR B 26 -26.17 16.47 2.17
CA THR B 26 -26.58 17.85 2.44
C THR B 26 -25.95 18.40 3.72
N GLY B 27 -25.53 17.50 4.59
CA GLY B 27 -24.94 17.93 5.85
C GLY B 27 -26.06 18.16 6.85
N ILE B 28 -27.27 17.82 6.43
CA ILE B 28 -28.46 18.00 7.25
C ILE B 28 -28.84 16.73 7.99
N VAL B 29 -28.94 16.80 9.32
CA VAL B 29 -29.35 15.65 10.11
C VAL B 29 -30.87 15.73 10.28
N ALA B 30 -31.55 14.59 10.25
CA ALA B 30 -33.00 14.58 10.39
C ALA B 30 -33.41 14.69 11.85
N GLY B 31 -33.67 15.92 12.28
CA GLY B 31 -34.08 16.15 13.65
C GLY B 31 -33.16 15.53 14.68
N GLU B 32 -33.76 14.83 15.64
CA GLU B 32 -32.99 14.17 16.69
C GLU B 32 -32.72 12.69 16.37
N SER B 33 -32.67 12.36 15.09
CA SER B 33 -32.42 10.98 14.68
C SER B 33 -30.93 10.70 14.56
N GLY B 34 -30.14 11.75 14.38
CA GLY B 34 -28.71 11.59 14.23
C GLY B 34 -28.36 11.08 12.84
N ILE B 35 -29.35 11.06 11.95
CA ILE B 35 -29.17 10.56 10.59
C ILE B 35 -28.98 11.65 9.54
N LEU B 36 -27.84 11.63 8.86
CA LEU B 36 -27.54 12.60 7.81
C LEU B 36 -28.41 12.33 6.59
N LEU B 37 -28.84 13.39 5.91
CA LEU B 37 -29.69 13.26 4.74
C LEU B 37 -28.94 13.48 3.43
N ASN B 38 -29.21 12.60 2.47
CA ASN B 38 -28.59 12.64 1.16
C ASN B 38 -29.00 13.87 0.34
N ASN B 39 -28.25 14.14 -0.72
CA ASN B 39 -28.58 15.20 -1.67
C ASN B 39 -28.56 14.51 -3.04
N GLN B 40 -29.23 13.37 -3.10
CA GLN B 40 -29.30 12.58 -4.34
C GLN B 40 -30.11 13.24 -5.44
N MSE B 41 -30.96 14.20 -5.09
CA MSE B 41 -31.78 14.88 -6.09
C MSE B 41 -30.92 15.59 -7.13
O MSE B 41 -31.36 15.88 -8.23
CB MSE B 41 -32.73 15.88 -5.43
CG MSE B 41 -33.78 15.26 -4.54
SE MSE B 41 -34.93 13.97 -5.45
CE MSE B 41 -35.98 15.18 -6.53
N ASP B 42 -29.66 15.85 -6.77
CA ASP B 42 -28.74 16.55 -7.68
C ASP B 42 -28.24 15.63 -8.79
N ASP B 43 -28.46 14.33 -8.63
CA ASP B 43 -28.01 13.37 -9.65
C ASP B 43 -28.99 13.28 -10.81
N PHE B 44 -30.11 13.98 -10.69
CA PHE B 44 -31.11 14.03 -11.76
C PHE B 44 -30.60 15.05 -12.77
N SER B 45 -31.13 15.00 -13.99
CA SER B 45 -30.73 15.97 -15.00
C SER B 45 -31.41 17.27 -14.62
N ALA B 46 -30.62 18.27 -14.27
CA ALA B 46 -31.15 19.57 -13.86
C ALA B 46 -32.06 20.23 -14.91
N LYS B 47 -31.60 20.29 -16.16
CA LYS B 47 -32.38 20.90 -17.21
C LYS B 47 -32.46 19.98 -18.44
N GLY B 58 -27.73 14.67 -19.10
CA GLY B 58 -28.33 13.87 -20.16
C GLY B 58 -29.58 14.50 -20.74
N GLY B 59 -30.45 13.67 -21.29
CA GLY B 59 -31.69 14.16 -21.88
C GLY B 59 -32.84 14.11 -20.90
N ASP B 60 -34.04 13.87 -21.43
CA ASP B 60 -35.25 13.81 -20.60
C ASP B 60 -35.33 12.49 -19.83
N ALA B 61 -34.53 11.52 -20.25
CA ALA B 61 -34.53 10.20 -19.61
C ALA B 61 -34.26 10.29 -18.12
N ASN B 62 -33.24 11.07 -17.75
CA ASN B 62 -32.87 11.22 -16.33
C ASN B 62 -33.38 12.52 -15.75
N ALA B 63 -34.56 12.95 -16.18
CA ALA B 63 -35.14 14.19 -15.70
C ALA B 63 -35.82 13.99 -14.35
N VAL B 64 -35.87 15.06 -13.56
CA VAL B 64 -36.52 14.99 -12.25
C VAL B 64 -38.00 14.68 -12.42
N GLY B 65 -38.47 13.68 -11.69
CA GLY B 65 -39.87 13.29 -11.75
C GLY B 65 -40.26 12.67 -10.42
N PRO B 66 -41.54 12.73 -10.04
CA PRO B 66 -41.96 12.15 -8.76
C PRO B 66 -41.79 10.63 -8.69
N ASN B 67 -41.32 10.14 -7.55
CA ASN B 67 -41.12 8.72 -7.32
C ASN B 67 -40.09 8.09 -8.25
N LYS B 68 -39.35 8.93 -8.94
CA LYS B 68 -38.34 8.46 -9.88
C LYS B 68 -36.98 8.29 -9.18
N ARG B 69 -36.19 7.31 -9.62
CA ARG B 69 -34.88 7.07 -9.07
C ARG B 69 -33.85 7.70 -9.99
N PRO B 70 -33.03 8.63 -9.48
CA PRO B 70 -32.04 9.26 -10.35
C PRO B 70 -30.98 8.26 -10.80
N LEU B 71 -30.53 8.39 -12.04
CA LEU B 71 -29.52 7.48 -12.58
C LEU B 71 -28.24 7.52 -11.75
N SER B 72 -27.57 6.38 -11.64
CA SER B 72 -26.32 6.28 -10.88
C SER B 72 -25.27 5.48 -11.65
N SER B 73 -24.00 5.75 -11.37
CA SER B 73 -22.90 5.05 -12.03
C SER B 73 -22.38 3.91 -11.14
N MSE B 74 -22.93 3.80 -9.93
CA MSE B 74 -22.48 2.76 -9.00
C MSE B 74 -22.58 1.40 -9.65
O MSE B 74 -23.62 1.03 -10.19
CB MSE B 74 -23.27 2.81 -7.70
CG MSE B 74 -23.00 4.07 -6.88
SE MSE B 74 -23.86 4.05 -5.15
CE MSE B 74 -25.65 4.48 -5.72
N SER B 75 -21.47 0.65 -9.58
CA SER B 75 -21.42 -0.65 -10.23
C SER B 75 -20.84 -1.82 -9.43
N PRO B 76 -21.50 -2.25 -8.35
CA PRO B 76 -20.92 -3.39 -7.63
C PRO B 76 -20.86 -4.50 -8.69
N THR B 77 -19.72 -5.16 -8.79
CA THR B 77 -19.52 -6.17 -9.82
C THR B 77 -18.90 -7.48 -9.37
N ILE B 78 -19.31 -8.56 -10.02
CA ILE B 78 -18.79 -9.89 -9.74
C ILE B 78 -18.43 -10.62 -11.03
N VAL B 79 -17.18 -11.07 -11.12
CA VAL B 79 -16.71 -11.79 -12.30
C VAL B 79 -16.63 -13.27 -11.98
N VAL B 80 -17.07 -14.09 -12.93
CA VAL B 80 -17.06 -15.54 -12.77
C VAL B 80 -16.04 -16.20 -13.69
N LYS B 81 -15.31 -17.16 -13.14
CA LYS B 81 -14.29 -17.90 -13.89
C LYS B 81 -14.50 -19.39 -13.68
N ASP B 82 -14.52 -20.15 -14.76
CA ASP B 82 -14.72 -21.59 -14.66
C ASP B 82 -15.98 -21.92 -13.87
N GLY B 83 -17.01 -21.10 -14.02
CA GLY B 83 -18.26 -21.32 -13.33
C GLY B 83 -18.27 -20.94 -11.86
N LYS B 84 -17.18 -20.39 -11.36
CA LYS B 84 -17.13 -20.00 -9.95
C LYS B 84 -16.83 -18.52 -9.74
N THR B 85 -17.44 -17.95 -8.70
CA THR B 85 -17.23 -16.56 -8.34
C THR B 85 -15.72 -16.43 -8.26
N TRP B 86 -15.17 -15.43 -8.94
CA TRP B 86 -13.72 -15.24 -9.01
C TRP B 86 -13.26 -13.85 -8.58
N LEU B 87 -13.96 -12.81 -9.00
CA LEU B 87 -13.58 -11.46 -8.60
C LEU B 87 -14.82 -10.71 -8.13
N VAL B 88 -14.70 -10.07 -6.98
CA VAL B 88 -15.78 -9.30 -6.39
C VAL B 88 -15.18 -7.91 -6.21
N THR B 89 -15.79 -6.88 -6.81
CA THR B 89 -15.24 -5.54 -6.69
C THR B 89 -16.28 -4.44 -6.88
N GLY B 90 -15.82 -3.20 -6.83
CA GLY B 90 -16.70 -2.06 -6.98
C GLY B 90 -15.95 -0.84 -6.50
N SER B 91 -16.55 0.34 -6.59
CA SER B 91 -15.86 1.55 -6.18
C SER B 91 -16.73 2.80 -6.28
N PRO B 92 -16.35 3.86 -5.55
CA PRO B 92 -17.08 5.14 -5.59
C PRO B 92 -16.40 5.93 -6.70
N GLY B 93 -16.86 7.14 -6.97
CA GLY B 93 -16.23 7.95 -8.00
C GLY B 93 -17.11 8.50 -9.10
N GLY B 94 -18.42 8.54 -8.87
CA GLY B 94 -19.31 9.05 -9.89
C GLY B 94 -19.14 8.35 -11.23
N SER B 95 -19.14 9.10 -12.32
CA SER B 95 -19.00 8.49 -13.64
C SER B 95 -17.68 7.74 -13.81
N ARG B 96 -16.68 8.04 -12.98
CA ARG B 96 -15.41 7.35 -13.07
C ARG B 96 -15.50 5.92 -12.55
N ILE B 97 -16.61 5.59 -11.90
CA ILE B 97 -16.79 4.24 -11.38
C ILE B 97 -16.69 3.21 -12.51
N ILE B 98 -17.33 3.52 -13.64
CA ILE B 98 -17.35 2.63 -14.80
C ILE B 98 -15.94 2.26 -15.26
N THR B 99 -15.08 3.27 -15.42
CA THR B 99 -13.72 3.00 -15.88
C THR B 99 -12.83 2.42 -14.78
N THR B 100 -13.12 2.73 -13.53
CA THR B 100 -12.30 2.18 -12.45
C THR B 100 -12.55 0.68 -12.36
N VAL B 101 -13.82 0.29 -12.33
CA VAL B 101 -14.17 -1.13 -12.26
C VAL B 101 -13.68 -1.83 -13.51
N LEU B 102 -13.84 -1.16 -14.66
CA LEU B 102 -13.38 -1.69 -15.93
C LEU B 102 -11.89 -2.04 -15.85
N GLN B 103 -11.09 -1.15 -15.29
CA GLN B 103 -9.66 -1.38 -15.19
C GLN B 103 -9.34 -2.54 -14.23
N MSE B 104 -10.15 -2.72 -13.19
CA MSE B 104 -9.94 -3.84 -12.26
C MSE B 104 -10.14 -5.16 -13.01
O MSE B 104 -9.39 -6.11 -12.83
CB MSE B 104 -10.93 -3.77 -11.10
CG MSE B 104 -10.62 -2.73 -10.03
SE MSE B 104 -8.90 -3.03 -9.20
CE MSE B 104 -9.23 -4.77 -8.45
N VAL B 105 -11.15 -5.18 -13.88
CA VAL B 105 -11.45 -6.38 -14.66
C VAL B 105 -10.39 -6.67 -15.71
N VAL B 106 -10.02 -5.63 -16.46
CA VAL B 106 -9.00 -5.78 -17.50
C VAL B 106 -7.66 -6.16 -16.90
N ASN B 107 -7.28 -5.48 -15.81
CA ASN B 107 -6.01 -5.77 -15.15
C ASN B 107 -5.92 -7.22 -14.68
N SER B 108 -7.05 -7.75 -14.21
CA SER B 108 -7.10 -9.12 -13.71
C SER B 108 -7.13 -10.17 -14.81
N ILE B 109 -7.98 -9.96 -15.80
CA ILE B 109 -8.13 -10.91 -16.89
C ILE B 109 -7.08 -10.84 -17.98
N ASP B 110 -6.88 -9.64 -18.54
CA ASP B 110 -5.93 -9.45 -19.62
C ASP B 110 -4.47 -9.35 -19.22
N TYR B 111 -4.19 -8.63 -18.14
CA TYR B 111 -2.81 -8.45 -17.72
C TYR B 111 -2.32 -9.44 -16.67
N GLY B 112 -3.21 -10.31 -16.20
CA GLY B 112 -2.84 -11.30 -15.20
C GLY B 112 -2.30 -10.77 -13.90
N LEU B 113 -2.75 -9.58 -13.49
CA LEU B 113 -2.27 -8.99 -12.25
C LEU B 113 -3.02 -9.54 -11.04
N ASN B 114 -2.34 -9.73 -9.91
CA ASN B 114 -3.07 -10.22 -8.73
C ASN B 114 -3.94 -9.06 -8.24
N VAL B 115 -4.92 -9.35 -7.39
CA VAL B 115 -5.84 -8.31 -6.95
C VAL B 115 -5.21 -7.06 -6.34
N ALA B 116 -4.06 -7.20 -5.67
CA ALA B 116 -3.39 -6.06 -5.06
C ALA B 116 -2.68 -5.25 -6.15
N GLU B 117 -2.01 -5.95 -7.06
CA GLU B 117 -1.32 -5.28 -8.16
C GLU B 117 -2.34 -4.49 -8.99
N ALA B 118 -3.48 -5.12 -9.29
CA ALA B 118 -4.53 -4.48 -10.07
C ALA B 118 -5.05 -3.23 -9.35
N THR B 119 -5.15 -3.33 -8.03
CA THR B 119 -5.64 -2.25 -7.19
C THR B 119 -4.69 -1.06 -7.06
N ASN B 120 -3.39 -1.36 -6.95
CA ASN B 120 -2.39 -0.31 -6.80
C ASN B 120 -1.89 0.31 -8.10
N ALA B 121 -2.34 -0.24 -9.22
CA ALA B 121 -1.94 0.27 -10.53
C ALA B 121 -2.61 1.60 -10.82
N PRO B 122 -1.92 2.48 -11.58
CA PRO B 122 -2.49 3.80 -11.92
C PRO B 122 -3.70 3.66 -12.84
N ARG B 123 -4.60 4.63 -12.78
CA ARG B 123 -5.82 4.60 -13.60
C ARG B 123 -5.94 5.77 -14.57
N PHE B 124 -6.60 5.52 -15.70
CA PHE B 124 -6.85 6.57 -16.69
C PHE B 124 -8.36 6.54 -16.97
N HIS B 125 -8.87 7.60 -17.59
CA HIS B 125 -10.31 7.70 -17.82
C HIS B 125 -10.68 8.70 -18.91
N HIS B 126 -11.70 8.37 -19.70
CA HIS B 126 -12.17 9.27 -20.75
C HIS B 126 -13.68 9.11 -20.80
N GLN B 127 -14.41 10.18 -20.48
CA GLN B 127 -15.86 10.11 -20.49
C GLN B 127 -16.53 10.87 -21.63
N TRP B 128 -15.87 10.88 -22.79
CA TRP B 128 -16.40 11.54 -23.98
C TRP B 128 -16.36 13.07 -23.84
N LEU B 129 -17.12 13.60 -22.89
CA LEU B 129 -17.14 15.03 -22.63
C LEU B 129 -16.90 15.28 -21.13
N PRO B 130 -15.88 16.09 -20.79
CA PRO B 130 -14.92 16.79 -21.66
C PRO B 130 -14.08 15.82 -22.49
N ASP B 131 -13.62 16.29 -23.65
CA ASP B 131 -12.79 15.46 -24.50
C ASP B 131 -11.34 15.48 -24.03
N GLU B 132 -11.07 14.70 -22.99
CA GLU B 132 -9.72 14.64 -22.42
C GLU B 132 -9.47 13.26 -21.84
N LEU B 133 -8.25 12.77 -22.00
CA LEU B 133 -7.88 11.47 -21.44
C LEU B 133 -7.28 11.78 -20.08
N ARG B 134 -8.11 11.65 -19.06
CA ARG B 134 -7.71 11.91 -17.69
C ARG B 134 -6.82 10.80 -17.14
N VAL B 135 -5.71 11.19 -16.52
CA VAL B 135 -4.79 10.21 -15.96
C VAL B 135 -4.35 10.56 -14.55
N GLU B 136 -4.00 9.53 -13.79
CA GLU B 136 -3.49 9.71 -12.45
C GLU B 136 -1.99 9.79 -12.64
N LYS B 137 -1.26 9.99 -11.56
CA LYS B 137 0.19 10.04 -11.62
C LYS B 137 0.57 8.57 -11.78
N GLY B 138 1.71 8.28 -12.40
CA GLY B 138 2.10 6.90 -12.53
C GLY B 138 2.35 6.36 -13.93
N PHE B 139 1.93 7.08 -14.96
CA PHE B 139 2.15 6.62 -16.34
C PHE B 139 3.44 7.24 -16.89
N SER B 140 4.12 6.51 -17.75
CA SER B 140 5.38 6.97 -18.33
C SER B 140 5.24 8.25 -19.15
N PRO B 141 6.22 9.16 -19.02
CA PRO B 141 6.18 10.41 -19.78
C PRO B 141 6.24 10.08 -21.27
N ASP B 142 6.95 9.00 -21.59
CA ASP B 142 7.08 8.55 -22.97
C ASP B 142 5.74 8.05 -23.49
N THR B 143 4.98 7.38 -22.63
CA THR B 143 3.68 6.87 -23.03
C THR B 143 2.72 8.02 -23.23
N LEU B 144 2.73 8.98 -22.30
CA LEU B 144 1.83 10.11 -22.41
C LEU B 144 2.08 10.94 -23.67
N LYS B 145 3.34 11.05 -24.08
CA LYS B 145 3.66 11.83 -25.28
C LYS B 145 3.14 11.08 -26.51
N LEU B 146 3.21 9.74 -26.49
CA LEU B 146 2.71 8.96 -27.60
C LEU B 146 1.19 9.17 -27.71
N LEU B 147 0.51 9.16 -26.57
CA LEU B 147 -0.93 9.37 -26.55
C LEU B 147 -1.30 10.73 -27.13
N GLU B 148 -0.51 11.75 -26.79
CA GLU B 148 -0.81 13.09 -27.30
C GLU B 148 -0.56 13.14 -28.80
N ALA B 149 0.44 12.40 -29.26
CA ALA B 149 0.76 12.33 -30.68
C ALA B 149 -0.38 11.64 -31.41
N LYS B 150 -1.10 10.79 -30.69
CA LYS B 150 -2.23 10.06 -31.27
C LYS B 150 -3.46 10.95 -31.34
N GLY B 151 -3.41 12.08 -30.65
CA GLY B 151 -4.53 13.01 -30.66
C GLY B 151 -5.26 13.14 -29.34
N GLN B 152 -4.83 12.38 -28.33
CA GLN B 152 -5.48 12.42 -27.03
C GLN B 152 -5.06 13.69 -26.27
N LYS B 153 -5.97 14.24 -25.47
CA LYS B 153 -5.65 15.43 -24.69
C LYS B 153 -5.44 14.94 -23.25
N VAL B 154 -4.20 14.65 -22.90
CA VAL B 154 -3.87 14.16 -21.57
C VAL B 154 -4.05 15.20 -20.49
N ALA B 155 -4.77 14.84 -19.44
CA ALA B 155 -5.01 15.72 -18.31
C ALA B 155 -4.71 15.04 -16.99
N LEU B 156 -3.63 15.46 -16.34
CA LEU B 156 -3.24 14.90 -15.06
C LEU B 156 -4.15 15.45 -13.97
N LYS B 157 -4.88 14.57 -13.30
CA LYS B 157 -5.79 14.99 -12.25
C LYS B 157 -5.75 14.17 -10.97
N GLU B 158 -6.68 14.49 -10.08
CA GLU B 158 -6.84 13.85 -8.77
C GLU B 158 -6.98 12.33 -8.84
N ALA B 159 -6.56 11.63 -7.78
CA ALA B 159 -6.66 10.18 -7.74
C ALA B 159 -8.14 9.79 -7.93
N MSE B 160 -8.38 8.67 -8.59
CA MSE B 160 -9.75 8.22 -8.85
C MSE B 160 -10.12 6.91 -8.16
O MSE B 160 -9.40 5.91 -8.26
CB MSE B 160 -9.98 8.00 -10.36
CG MSE B 160 -9.88 9.25 -11.24
SE MSE B 160 -10.13 8.76 -13.11
CE MSE B 160 -8.32 8.30 -13.53
N GLY B 161 -11.25 6.93 -7.47
CA GLY B 161 -11.78 5.72 -6.82
C GLY B 161 -11.25 5.19 -5.50
N SER B 162 -11.88 4.12 -5.06
CA SER B 162 -11.52 3.43 -3.82
C SER B 162 -12.01 1.99 -3.93
N THR B 163 -11.30 1.18 -4.69
CA THR B 163 -11.70 -0.21 -4.86
C THR B 163 -11.45 -1.01 -3.58
N GLN B 164 -12.35 -1.94 -3.30
CA GLN B 164 -12.25 -2.83 -2.14
C GLN B 164 -12.65 -4.16 -2.79
N SER B 165 -11.66 -5.00 -3.05
CA SER B 165 -11.89 -6.23 -3.78
C SER B 165 -11.39 -7.52 -3.17
N ILE B 166 -11.98 -8.61 -3.67
CA ILE B 166 -11.64 -9.94 -3.23
C ILE B 166 -11.61 -10.87 -4.44
N MSE B 167 -10.50 -11.59 -4.59
CA MSE B 167 -10.39 -12.56 -5.68
C MSE B 167 -10.49 -13.92 -5.01
O MSE B 167 -9.87 -14.15 -3.96
CB MSE B 167 -9.05 -12.43 -6.41
CG MSE B 167 -8.87 -13.48 -7.51
SE MSE B 167 -7.31 -13.18 -8.61
CE MSE B 167 -6.07 -12.59 -7.22
N VAL B 168 -11.26 -14.81 -5.60
CA VAL B 168 -11.46 -16.13 -5.04
C VAL B 168 -10.79 -17.22 -5.87
N GLY B 169 -9.87 -17.95 -5.24
CA GLY B 169 -9.20 -19.03 -5.93
C GLY B 169 -10.14 -20.21 -6.05
N PRO B 170 -9.99 -21.05 -7.07
CA PRO B 170 -10.89 -22.20 -7.22
C PRO B 170 -10.87 -23.14 -6.01
N ASP B 171 -9.79 -23.07 -5.23
CA ASP B 171 -9.63 -23.91 -4.05
C ASP B 171 -10.22 -23.29 -2.78
N GLY B 172 -10.82 -22.11 -2.90
CA GLY B 172 -11.40 -21.47 -1.74
C GLY B 172 -10.50 -20.43 -1.08
N GLU B 173 -9.25 -20.36 -1.49
CA GLU B 173 -8.32 -19.39 -0.92
C GLU B 173 -8.81 -17.98 -1.31
N LEU B 174 -8.83 -17.07 -0.35
CA LEU B 174 -9.28 -15.72 -0.63
C LEU B 174 -8.13 -14.73 -0.67
N TYR B 175 -8.19 -13.83 -1.65
CA TYR B 175 -7.16 -12.82 -1.85
C TYR B 175 -7.86 -11.47 -1.90
N GLY B 176 -7.44 -10.54 -1.06
CA GLY B 176 -8.08 -9.24 -1.04
C GLY B 176 -7.16 -8.04 -1.09
N ALA B 177 -7.72 -6.90 -1.44
CA ALA B 177 -6.94 -5.67 -1.51
C ALA B 177 -7.79 -4.43 -1.34
N SER B 178 -7.31 -3.53 -0.49
CA SER B 178 -7.97 -2.25 -0.24
C SER B 178 -7.16 -1.19 -0.98
N ASP B 179 -7.87 -0.24 -1.57
CA ASP B 179 -7.27 0.83 -2.34
C ASP B 179 -6.31 1.70 -1.50
N PRO B 180 -5.09 1.93 -2.00
CA PRO B 180 -4.16 2.77 -1.23
C PRO B 180 -4.65 4.22 -1.21
N ARG B 181 -5.56 4.55 -2.13
CA ARG B 181 -6.08 5.90 -2.24
C ARG B 181 -6.90 6.35 -1.04
N SER B 182 -7.36 5.41 -0.23
CA SER B 182 -8.17 5.74 0.95
C SER B 182 -7.42 5.40 2.24
N VAL B 183 -7.03 6.43 3.00
CA VAL B 183 -6.33 6.17 4.25
C VAL B 183 -7.32 5.51 5.21
N ASP B 184 -6.78 4.67 6.09
CA ASP B 184 -7.58 3.96 7.08
C ASP B 184 -8.51 2.88 6.57
N ASP B 185 -8.38 2.45 5.32
CA ASP B 185 -9.25 1.39 4.85
C ASP B 185 -8.63 0.04 5.22
N LEU B 186 -9.35 -1.04 4.97
CA LEU B 186 -8.83 -2.35 5.36
C LEU B 186 -9.53 -3.53 4.77
N THR B 187 -8.74 -4.53 4.39
CA THR B 187 -9.27 -5.80 3.91
C THR B 187 -8.71 -6.79 4.93
N ALA B 188 -9.58 -7.60 5.52
CA ALA B 188 -9.14 -8.58 6.50
C ALA B 188 -10.01 -9.83 6.40
N GLY B 189 -9.49 -10.93 6.92
CA GLY B 189 -10.22 -12.19 6.88
C GLY B 189 -9.76 -13.11 8.01
N TYR B 190 -10.08 -14.38 7.87
CA TYR B 190 -9.70 -15.38 8.87
C TYR B 190 -9.76 -16.76 8.22
N PRO C 6 13.11 20.03 -7.08
CA PRO C 6 12.32 20.97 -6.27
C PRO C 6 11.12 21.51 -7.05
N PRO C 7 10.05 21.91 -6.35
CA PRO C 7 9.91 21.88 -4.89
C PRO C 7 9.62 20.48 -4.34
N VAL C 8 9.38 20.41 -3.04
CA VAL C 8 9.10 19.13 -2.38
C VAL C 8 7.62 18.97 -2.05
N SER C 9 7.18 17.73 -1.92
CA SER C 9 5.80 17.42 -1.58
C SER C 9 5.74 16.42 -0.43
N TYR C 10 5.01 16.77 0.62
CA TYR C 10 4.88 15.88 1.78
C TYR C 10 3.62 15.04 1.65
N GLY C 11 2.90 15.22 0.54
CA GLY C 11 1.69 14.46 0.30
C GLY C 11 0.41 15.27 0.45
N VAL C 12 -0.46 15.17 -0.56
CA VAL C 12 -1.73 15.87 -0.55
C VAL C 12 -2.88 14.90 -0.74
N GLU C 13 -4.11 15.39 -0.60
CA GLU C 13 -5.30 14.57 -0.74
C GLU C 13 -5.44 13.83 -2.08
N GLU C 14 -5.00 14.47 -3.16
CA GLU C 14 -5.12 13.90 -4.50
C GLU C 14 -4.14 12.77 -4.85
N ASP C 15 -3.12 12.58 -4.05
CA ASP C 15 -2.13 11.52 -4.30
C ASP C 15 -2.76 10.13 -4.24
N VAL C 16 -2.13 9.16 -4.90
CA VAL C 16 -2.61 7.78 -4.88
C VAL C 16 -2.12 7.07 -3.62
N PHE C 17 -0.89 7.40 -3.21
CA PHE C 17 -0.28 6.81 -2.04
C PHE C 17 -0.13 7.87 -0.94
N HIS C 18 -0.62 7.55 0.24
CA HIS C 18 -0.59 8.48 1.37
C HIS C 18 0.33 8.04 2.49
N PRO C 19 1.23 8.94 2.92
CA PRO C 19 2.12 8.53 4.02
C PRO C 19 1.36 8.47 5.35
N VAL C 20 1.92 7.76 6.31
CA VAL C 20 1.31 7.68 7.62
C VAL C 20 1.71 9.02 8.24
N ARG C 21 0.82 9.63 9.01
CA ARG C 21 1.14 10.92 9.62
C ARG C 21 1.11 10.92 11.14
N ALA C 22 2.00 11.70 11.74
CA ALA C 22 2.10 11.81 13.18
C ALA C 22 2.68 13.18 13.51
N LYS C 23 2.34 13.72 14.68
CA LYS C 23 2.84 15.03 15.08
C LYS C 23 4.02 14.97 16.03
N GLN C 24 4.22 13.83 16.69
CA GLN C 24 5.30 13.72 17.65
C GLN C 24 6.43 12.76 17.30
N GLY C 25 6.17 11.46 17.37
CA GLY C 25 7.21 10.47 17.06
C GLY C 25 6.75 9.46 16.03
N MSE C 26 7.70 8.73 15.44
CA MSE C 26 7.37 7.74 14.43
C MSE C 26 8.45 6.66 14.26
O MSE C 26 9.64 6.93 14.39
CB MSE C 26 7.15 8.43 13.08
CG MSE C 26 6.75 7.50 11.95
SE MSE C 26 6.22 8.49 10.38
CE MSE C 26 4.45 9.02 10.96
N VAL C 27 7.99 5.45 13.97
CA VAL C 27 8.87 4.31 13.77
C VAL C 27 8.42 3.56 12.51
N ALA C 28 9.38 3.18 11.68
CA ALA C 28 9.09 2.43 10.46
C ALA C 28 9.96 1.17 10.48
N SER C 29 9.33 -0.01 10.39
CA SER C 29 10.10 -1.25 10.38
C SER C 29 9.37 -2.33 9.58
N VAL C 30 10.04 -3.45 9.38
CA VAL C 30 9.49 -4.57 8.62
C VAL C 30 8.47 -5.40 9.40
N ASP C 31 8.31 -5.11 10.70
CA ASP C 31 7.41 -5.89 11.54
C ASP C 31 6.50 -5.05 12.42
N ALA C 32 5.19 -5.30 12.33
CA ALA C 32 4.20 -4.56 13.11
C ALA C 32 4.50 -4.53 14.61
N THR C 33 4.73 -5.69 15.19
CA THR C 33 5.01 -5.76 16.63
C THR C 33 6.22 -4.94 17.03
N ALA C 34 7.32 -5.08 16.28
CA ALA C 34 8.54 -4.33 16.59
C ALA C 34 8.31 -2.82 16.46
N THR C 35 7.56 -2.43 15.43
CA THR C 35 7.26 -1.00 15.24
C THR C 35 6.51 -0.45 16.46
N GLN C 36 5.51 -1.22 16.92
CA GLN C 36 4.71 -0.81 18.06
C GLN C 36 5.54 -0.73 19.34
N VAL C 37 6.53 -1.61 19.47
CA VAL C 37 7.41 -1.57 20.63
C VAL C 37 8.14 -0.23 20.63
N GLY C 38 8.66 0.16 19.46
CA GLY C 38 9.37 1.42 19.35
C GLY C 38 8.49 2.62 19.68
N VAL C 39 7.26 2.61 19.18
CA VAL C 39 6.34 3.71 19.44
C VAL C 39 6.07 3.81 20.94
N ASP C 40 5.91 2.67 21.60
CA ASP C 40 5.65 2.63 23.03
C ASP C 40 6.82 3.21 23.81
N ILE C 41 8.05 2.96 23.34
CA ILE C 41 9.23 3.49 24.01
C ILE C 41 9.25 5.02 23.89
N LEU C 42 8.90 5.53 22.71
CA LEU C 42 8.87 6.96 22.50
C LEU C 42 7.78 7.59 23.37
N LYS C 43 6.63 6.93 23.46
CA LYS C 43 5.52 7.43 24.27
C LYS C 43 5.89 7.46 25.74
N GLU C 44 6.75 6.53 26.15
CA GLU C 44 7.19 6.44 27.53
C GLU C 44 8.26 7.49 27.86
N GLY C 45 8.77 8.16 26.83
CA GLY C 45 9.77 9.18 27.07
C GLY C 45 11.16 8.91 26.50
N GLY C 46 11.37 7.73 25.90
CA GLY C 46 12.68 7.45 25.35
C GLY C 46 12.95 8.29 24.11
N ASN C 47 14.22 8.52 23.77
CA ASN C 47 14.52 9.27 22.57
C ASN C 47 14.65 8.32 21.38
N ALA C 48 14.99 8.84 20.21
CA ALA C 48 15.10 8.01 19.01
C ALA C 48 16.06 6.83 19.21
N VAL C 49 17.19 7.07 19.86
CA VAL C 49 18.16 6.01 20.11
C VAL C 49 17.57 4.94 21.04
N ASP C 50 16.93 5.35 22.14
CA ASP C 50 16.32 4.38 23.05
C ASP C 50 15.37 3.47 22.30
N ALA C 51 14.48 4.07 21.52
CA ALA C 51 13.49 3.34 20.73
C ALA C 51 14.14 2.48 19.65
N ALA C 52 15.18 3.01 19.01
CA ALA C 52 15.88 2.26 17.96
C ALA C 52 16.49 0.99 18.54
N VAL C 53 17.03 1.09 19.75
CA VAL C 53 17.62 -0.08 20.38
C VAL C 53 16.51 -1.06 20.78
N ALA C 54 15.38 -0.53 21.28
CA ALA C 54 14.26 -1.38 21.67
C ALA C 54 13.72 -2.14 20.44
N VAL C 55 13.61 -1.45 19.32
CA VAL C 55 13.12 -2.07 18.08
C VAL C 55 14.12 -3.14 17.64
N GLY C 56 15.41 -2.84 17.77
CA GLY C 56 16.44 -3.81 17.38
C GLY C 56 16.37 -5.10 18.19
N TYR C 57 16.11 -4.98 19.50
CA TYR C 57 16.01 -6.18 20.31
C TYR C 57 14.69 -6.88 20.01
N ALA C 58 13.64 -6.12 19.74
CA ALA C 58 12.33 -6.70 19.44
C ALA C 58 12.38 -7.54 18.17
N LEU C 59 12.98 -6.99 17.12
CA LEU C 59 13.11 -7.68 15.85
C LEU C 59 13.96 -8.95 15.98
N ALA C 60 14.86 -8.96 16.96
CA ALA C 60 15.71 -10.13 17.19
C ALA C 60 14.87 -11.29 17.72
N VAL C 61 13.63 -10.97 18.10
CA VAL C 61 12.69 -11.96 18.62
C VAL C 61 11.56 -12.23 17.60
N THR C 62 10.97 -11.16 17.09
CA THR C 62 9.85 -11.28 16.14
C THR C 62 10.20 -11.39 14.66
N HIS C 63 11.46 -11.17 14.32
CA HIS C 63 11.88 -11.25 12.92
C HIS C 63 13.21 -11.99 12.85
N PRO C 64 13.24 -13.26 13.28
CA PRO C 64 14.45 -14.08 13.28
C PRO C 64 15.15 -14.22 11.94
N GLN C 65 14.44 -13.93 10.85
CA GLN C 65 15.08 -14.03 9.56
C GLN C 65 16.22 -13.02 9.39
N ALA C 66 16.12 -11.87 10.04
CA ALA C 66 17.16 -10.83 9.93
C ALA C 66 17.40 -10.08 11.25
N GLY C 67 16.32 -9.85 12.01
CA GLY C 67 16.47 -9.21 13.31
C GLY C 67 17.40 -10.16 14.04
N ASN C 68 18.28 -9.67 14.91
CA ASN C 68 19.25 -10.59 15.51
C ASN C 68 20.07 -10.07 16.68
N LEU C 69 20.74 -11.02 17.32
CA LEU C 69 21.69 -10.74 18.39
C LEU C 69 22.95 -11.44 17.89
N GLY C 70 22.77 -12.41 16.99
CA GLY C 70 23.89 -13.17 16.46
C GLY C 70 24.48 -12.69 15.13
N GLY C 71 24.14 -11.47 14.73
CA GLY C 71 24.65 -10.93 13.48
C GLY C 71 25.31 -9.59 13.69
N GLY C 72 25.11 -8.67 12.75
CA GLY C 72 25.72 -7.34 12.87
C GLY C 72 25.04 -6.34 11.95
N GLY C 73 25.49 -5.09 11.99
CA GLY C 73 24.90 -4.07 11.15
C GLY C 73 25.47 -2.68 11.33
N PHE C 74 24.75 -1.69 10.79
CA PHE C 74 25.16 -0.30 10.84
C PHE C 74 24.04 0.60 11.38
N MSE C 75 24.44 1.71 12.01
CA MSE C 75 23.46 2.66 12.52
C MSE C 75 23.90 4.08 12.20
O MSE C 75 25.06 4.43 12.41
CB MSE C 75 23.30 2.53 14.03
CG MSE C 75 22.36 3.57 14.63
SE MSE C 75 22.22 3.41 16.56
CE MSE C 75 22.95 1.64 16.69
N LEU C 76 22.97 4.88 11.69
CA LEU C 76 23.26 6.28 11.39
C LEU C 76 22.41 7.07 12.39
N ILE C 77 23.03 8.01 13.07
CA ILE C 77 22.36 8.82 14.08
C ILE C 77 22.55 10.32 13.82
N ARG C 78 21.48 11.09 13.95
CA ARG C 78 21.61 12.54 13.81
C ARG C 78 20.78 13.19 14.91
N SER C 79 21.46 13.87 15.84
CA SER C 79 20.78 14.53 16.94
C SER C 79 20.11 15.82 16.45
N LYS C 80 19.17 16.31 17.25
CA LYS C 80 18.44 17.53 16.90
C LYS C 80 19.39 18.71 16.73
N ASN C 81 20.56 18.66 17.37
CA ASN C 81 21.53 19.73 17.26
C ASN C 81 22.38 19.64 16.00
N GLY C 82 22.20 18.57 15.22
CA GLY C 82 22.95 18.42 13.99
C GLY C 82 24.15 17.48 14.03
N ASN C 83 24.45 16.93 15.19
CA ASN C 83 25.57 16.01 15.34
C ASN C 83 25.18 14.71 14.60
N THR C 84 25.91 14.39 13.53
CA THR C 84 25.61 13.19 12.74
C THR C 84 26.77 12.20 12.86
N THR C 85 26.47 10.96 13.24
CA THR C 85 27.52 9.96 13.40
C THR C 85 27.09 8.58 12.91
N ALA C 86 28.07 7.71 12.68
CA ALA C 86 27.78 6.37 12.22
C ALA C 86 28.39 5.35 13.18
N ILE C 87 27.64 4.30 13.46
CA ILE C 87 28.15 3.26 14.34
C ILE C 87 28.29 1.97 13.54
N ASP C 88 29.51 1.49 13.46
CA ASP C 88 29.81 0.27 12.73
C ASP C 88 29.85 -0.93 13.67
N PHE C 89 28.84 -1.78 13.59
CA PHE C 89 28.84 -2.99 14.42
C PHE C 89 28.73 -4.21 13.51
N ARG C 90 29.49 -4.17 12.42
CA ARG C 90 29.56 -5.25 11.44
C ARG C 90 30.34 -6.38 12.11
N GLU C 91 30.07 -7.62 11.74
CA GLU C 91 30.80 -8.73 12.35
C GLU C 91 32.27 -8.70 11.97
N MSE C 92 33.11 -9.26 12.83
CA MSE C 92 34.55 -9.34 12.59
C MSE C 92 34.92 -10.80 12.35
O MSE C 92 34.38 -11.70 13.02
CB MSE C 92 35.35 -8.84 13.81
CG MSE C 92 35.43 -7.34 13.97
SE MSE C 92 36.21 -6.84 15.70
CE MSE C 92 38.07 -7.26 15.34
N ALA C 93 35.82 -11.04 11.41
CA ALA C 93 36.26 -12.39 11.14
C ALA C 93 37.07 -12.86 12.34
N PRO C 94 36.93 -14.13 12.72
CA PRO C 94 37.67 -14.71 13.85
C PRO C 94 39.18 -14.55 13.69
N ALA C 95 39.89 -14.48 14.81
CA ALA C 95 41.34 -14.34 14.77
C ALA C 95 42.02 -15.51 14.05
N LYS C 96 41.38 -16.66 14.04
CA LYS C 96 41.94 -17.83 13.37
C LYS C 96 41.47 -17.98 11.93
N ALA C 97 40.78 -16.97 11.42
CA ALA C 97 40.30 -17.01 10.05
C ALA C 97 41.49 -16.87 9.11
N THR C 98 41.44 -17.53 7.96
CA THR C 98 42.53 -17.45 6.99
C THR C 98 42.01 -17.15 5.59
N ARG C 99 42.85 -16.53 4.77
CA ARG C 99 42.50 -16.15 3.42
C ARG C 99 41.87 -17.24 2.56
N ASP C 100 42.42 -18.45 2.62
CA ASP C 100 41.89 -19.55 1.81
C ASP C 100 41.08 -20.57 2.62
N MSE C 101 40.46 -20.12 3.69
CA MSE C 101 39.68 -21.02 4.54
C MSE C 101 38.44 -21.64 3.87
O MSE C 101 37.94 -22.66 4.33
CB MSE C 101 39.25 -20.30 5.83
CG MSE C 101 38.24 -19.20 5.63
SE MSE C 101 37.81 -18.34 7.32
CE MSE C 101 36.65 -19.68 8.06
N PHE C 102 37.97 -21.03 2.79
CA PHE C 102 36.79 -21.57 2.11
C PHE C 102 37.12 -22.24 0.77
N LEU C 103 38.34 -22.73 0.64
CA LEU C 103 38.76 -23.39 -0.60
C LEU C 103 39.07 -24.86 -0.34
N ASP C 104 38.67 -25.73 -1.27
CA ASP C 104 38.92 -27.16 -1.12
C ASP C 104 40.36 -27.46 -1.53
N ASP C 105 40.75 -28.73 -1.45
CA ASP C 105 42.10 -29.13 -1.80
C ASP C 105 42.50 -28.63 -3.18
N GLN C 106 41.50 -28.47 -4.05
CA GLN C 106 41.72 -28.00 -5.41
C GLN C 106 41.92 -26.50 -5.50
N GLY C 107 41.47 -25.78 -4.47
CA GLY C 107 41.59 -24.33 -4.47
C GLY C 107 40.30 -23.71 -4.97
N ASN C 108 39.23 -24.49 -4.95
CA ASN C 108 37.91 -24.05 -5.40
C ASN C 108 37.05 -23.62 -4.22
N PRO C 109 36.40 -22.45 -4.33
CA PRO C 109 35.54 -21.93 -3.27
C PRO C 109 34.43 -22.91 -2.89
N ASP C 110 34.23 -23.11 -1.59
CA ASP C 110 33.20 -24.01 -1.10
C ASP C 110 32.07 -23.18 -0.49
N SER C 111 31.02 -22.95 -1.27
CA SER C 111 29.88 -22.16 -0.82
C SER C 111 29.25 -22.70 0.46
N LYS C 112 29.17 -24.02 0.58
CA LYS C 112 28.59 -24.65 1.76
C LYS C 112 29.27 -24.17 3.04
N LYS C 113 30.60 -24.23 3.07
CA LYS C 113 31.36 -23.82 4.24
C LYS C 113 31.09 -22.38 4.65
N SER C 114 31.00 -21.48 3.67
CA SER C 114 30.77 -20.07 3.97
C SER C 114 29.32 -19.67 4.17
N LEU C 115 28.40 -20.62 3.98
CA LEU C 115 26.98 -20.30 4.14
C LEU C 115 26.23 -21.12 5.17
N THR C 116 26.51 -22.42 5.23
CA THR C 116 25.78 -23.29 6.16
C THR C 116 26.57 -23.98 7.27
N SER C 117 27.90 -23.90 7.23
CA SER C 117 28.69 -24.55 8.28
C SER C 117 29.02 -23.57 9.39
N HIS C 118 29.59 -24.07 10.48
CA HIS C 118 29.95 -23.23 11.62
C HIS C 118 31.07 -22.25 11.27
N LEU C 119 31.80 -22.53 10.20
CA LEU C 119 32.89 -21.68 9.76
C LEU C 119 32.38 -20.41 9.06
N ALA C 120 31.08 -20.37 8.78
CA ALA C 120 30.48 -19.23 8.09
C ALA C 120 30.18 -18.01 8.97
N SER C 121 30.29 -18.16 10.28
CA SER C 121 29.97 -17.08 11.19
C SER C 121 31.09 -16.13 11.60
N GLY C 122 30.78 -14.83 11.56
CA GLY C 122 31.73 -13.82 12.00
C GLY C 122 31.34 -13.49 13.42
N THR C 123 32.26 -12.91 14.20
CA THR C 123 31.96 -12.53 15.58
C THR C 123 30.85 -11.48 15.56
N PRO C 124 29.71 -11.76 16.23
CA PRO C 124 28.57 -10.83 16.28
C PRO C 124 28.81 -9.46 16.92
N GLY C 125 28.26 -8.42 16.31
CA GLY C 125 28.45 -7.09 16.85
C GLY C 125 27.19 -6.34 17.24
N THR C 126 26.01 -6.90 17.00
CA THR C 126 24.77 -6.19 17.31
C THR C 126 24.65 -5.73 18.76
N VAL C 127 24.88 -6.63 19.71
CA VAL C 127 24.76 -6.23 21.11
C VAL C 127 25.75 -5.13 21.46
N ALA C 128 26.96 -5.22 20.93
CA ALA C 128 27.99 -4.21 21.19
C ALA C 128 27.61 -2.86 20.59
N GLY C 129 27.09 -2.90 19.36
CA GLY C 129 26.69 -1.66 18.71
C GLY C 129 25.54 -0.96 19.41
N PHE C 130 24.53 -1.73 19.82
CA PHE C 130 23.38 -1.15 20.51
C PHE C 130 23.76 -0.53 21.86
N SER C 131 24.64 -1.20 22.61
CA SER C 131 25.04 -0.66 23.90
C SER C 131 25.90 0.59 23.72
N LEU C 132 26.74 0.60 22.68
CA LEU C 132 27.58 1.77 22.42
C LEU C 132 26.66 2.95 22.16
N ALA C 133 25.67 2.76 21.30
CA ALA C 133 24.74 3.83 20.96
C ALA C 133 23.89 4.24 22.17
N LEU C 134 23.36 3.24 22.88
CA LEU C 134 22.51 3.51 24.04
C LEU C 134 23.23 4.30 25.14
N ASP C 135 24.43 3.85 25.52
CA ASP C 135 25.18 4.53 26.57
C ASP C 135 25.59 5.96 26.22
N LYS C 136 25.96 6.19 24.97
CA LYS C 136 26.41 7.51 24.55
C LYS C 136 25.34 8.49 24.08
N TYR C 137 24.32 7.99 23.39
CA TYR C 137 23.28 8.86 22.86
C TYR C 137 21.86 8.61 23.35
N GLY C 138 21.66 7.52 24.09
CA GLY C 138 20.33 7.22 24.59
C GLY C 138 20.10 7.84 25.96
N THR C 139 18.97 7.52 26.59
CA THR C 139 18.67 8.06 27.92
C THR C 139 18.20 6.95 28.87
N MSE C 140 17.78 5.83 28.30
CA MSE C 140 17.29 4.72 29.13
C MSE C 140 18.32 3.62 29.39
O MSE C 140 19.26 3.43 28.60
CB MSE C 140 16.08 4.07 28.45
CG MSE C 140 14.82 4.92 28.41
SE MSE C 140 13.44 4.07 27.35
CE MSE C 140 12.66 2.92 28.69
N PRO C 141 18.17 2.91 30.51
CA PRO C 141 19.12 1.83 30.81
C PRO C 141 18.78 0.64 29.91
N LEU C 142 19.77 -0.19 29.64
CA LEU C 142 19.57 -1.35 28.76
C LEU C 142 18.41 -2.25 29.16
N ASN C 143 18.24 -2.51 30.46
CA ASN C 143 17.16 -3.40 30.88
C ASN C 143 15.77 -2.92 30.45
N LYS C 144 15.58 -1.61 30.36
CA LYS C 144 14.29 -1.07 29.96
C LYS C 144 14.00 -1.21 28.47
N VAL C 145 15.03 -1.10 27.64
CA VAL C 145 14.80 -1.21 26.20
C VAL C 145 14.79 -2.67 25.74
N VAL C 146 15.26 -3.57 26.61
CA VAL C 146 15.29 -4.99 26.29
C VAL C 146 14.02 -5.69 26.77
N GLN C 147 13.37 -5.10 27.78
CA GLN C 147 12.16 -5.68 28.36
C GLN C 147 11.06 -6.10 27.38
N PRO C 148 10.72 -5.23 26.39
CA PRO C 148 9.67 -5.62 25.44
C PRO C 148 10.02 -6.89 24.69
N ALA C 149 11.28 -7.01 24.27
CA ALA C 149 11.75 -8.18 23.54
C ALA C 149 11.78 -9.38 24.46
N PHE C 150 12.16 -9.15 25.72
CA PHE C 150 12.20 -10.22 26.70
C PHE C 150 10.83 -10.87 26.83
N LYS C 151 9.80 -10.06 27.02
CA LYS C 151 8.45 -10.57 27.17
C LYS C 151 7.95 -11.28 25.91
N LEU C 152 8.31 -10.77 24.74
CA LEU C 152 7.91 -11.38 23.49
C LEU C 152 8.55 -12.77 23.35
N ALA C 153 9.78 -12.91 23.82
CA ALA C 153 10.46 -14.20 23.75
C ALA C 153 9.92 -15.14 24.82
N ARG C 154 9.74 -14.62 26.02
CA ARG C 154 9.24 -15.44 27.13
C ARG C 154 7.80 -15.89 26.91
N ASP C 155 6.91 -14.96 26.64
CA ASP C 155 5.50 -15.29 26.45
C ASP C 155 5.11 -15.74 25.04
N GLY C 156 6.00 -15.52 24.07
CA GLY C 156 5.71 -15.92 22.71
C GLY C 156 4.79 -14.97 21.96
N PHE C 157 4.69 -15.13 20.65
CA PHE C 157 3.82 -14.29 19.83
C PHE C 157 3.27 -15.12 18.69
N ILE C 158 2.22 -14.62 18.04
CA ILE C 158 1.59 -15.36 16.95
C ILE C 158 2.34 -15.21 15.63
N VAL C 159 2.62 -16.34 15.00
CA VAL C 159 3.32 -16.37 13.72
C VAL C 159 2.40 -15.76 12.66
N ASN C 160 2.91 -14.79 11.91
CA ASN C 160 2.12 -14.15 10.86
C ASN C 160 2.48 -14.72 9.49
N ASP C 161 1.93 -14.13 8.43
CA ASP C 161 2.20 -14.60 7.07
C ASP C 161 3.67 -14.53 6.70
N ALA C 162 4.31 -13.41 7.03
CA ALA C 162 5.72 -13.20 6.69
C ALA C 162 6.64 -14.25 7.31
N LEU C 163 6.52 -14.45 8.62
CA LEU C 163 7.36 -15.42 9.31
C LEU C 163 7.03 -16.85 8.88
N ALA C 164 5.75 -17.18 8.79
CA ALA C 164 5.34 -18.52 8.38
C ALA C 164 5.91 -18.84 7.00
N ASP C 165 5.75 -17.92 6.07
CA ASP C 165 6.24 -18.12 4.71
C ASP C 165 7.77 -18.22 4.67
N ASP C 166 8.46 -17.36 5.42
CA ASP C 166 9.92 -17.41 5.45
C ASP C 166 10.42 -18.71 6.08
N LEU C 167 9.75 -19.14 7.14
CA LEU C 167 10.13 -20.38 7.81
C LEU C 167 10.04 -21.57 6.86
N LYS C 168 8.94 -21.64 6.12
CA LYS C 168 8.73 -22.73 5.17
C LYS C 168 9.68 -22.66 3.98
N THR C 169 9.85 -21.46 3.42
CA THR C 169 10.69 -21.27 2.26
C THR C 169 12.21 -21.28 2.51
N TYR C 170 12.68 -20.41 3.40
CA TYR C 170 14.10 -20.35 3.69
C TYR C 170 14.52 -21.19 4.89
N GLY C 171 13.66 -21.27 5.89
CA GLY C 171 13.98 -22.04 7.08
C GLY C 171 14.17 -23.52 6.84
N SER C 172 13.33 -24.10 5.98
CA SER C 172 13.39 -25.52 5.67
C SER C 172 14.76 -26.00 5.23
N GLU C 173 15.56 -25.10 4.70
CA GLU C 173 16.89 -25.46 4.21
C GLU C 173 17.96 -25.60 5.28
N VAL C 174 17.77 -24.95 6.44
CA VAL C 174 18.77 -25.01 7.49
C VAL C 174 18.31 -25.29 8.93
N LEU C 175 17.19 -24.69 9.33
CA LEU C 175 16.70 -24.86 10.68
C LEU C 175 16.51 -26.30 11.17
N PRO C 176 15.84 -27.15 10.38
CA PRO C 176 15.66 -28.53 10.85
C PRO C 176 16.94 -29.36 10.90
N ASN C 177 18.01 -28.85 10.29
CA ASN C 177 19.29 -29.56 10.26
C ASN C 177 20.09 -29.42 11.56
N HIS C 178 19.52 -28.75 12.55
CA HIS C 178 20.20 -28.55 13.84
C HIS C 178 19.20 -28.78 14.96
N GLU C 179 19.55 -29.65 15.90
CA GLU C 179 18.67 -30.00 17.02
C GLU C 179 18.09 -28.79 17.75
N ASN C 180 18.96 -27.89 18.21
CA ASN C 180 18.47 -26.72 18.94
C ASN C 180 17.58 -25.81 18.08
N SER C 181 17.96 -25.61 16.82
CA SER C 181 17.16 -24.76 15.95
C SER C 181 15.80 -25.41 15.70
N LYS C 182 15.81 -26.70 15.39
CA LYS C 182 14.58 -27.42 15.13
C LYS C 182 13.61 -27.36 16.31
N ALA C 183 14.15 -27.55 17.51
CA ALA C 183 13.35 -27.54 18.73
C ALA C 183 12.59 -26.22 18.90
N ILE C 184 13.14 -25.15 18.36
CA ILE C 184 12.53 -23.85 18.48
C ILE C 184 11.58 -23.48 17.33
N PHE C 185 12.05 -23.65 16.10
CA PHE C 185 11.27 -23.25 14.94
C PHE C 185 10.41 -24.30 14.25
N TRP C 186 10.69 -25.58 14.50
CA TRP C 186 9.90 -26.66 13.89
C TRP C 186 8.94 -27.22 14.94
N LYS C 187 7.82 -27.77 14.47
CA LYS C 187 6.82 -28.34 15.37
C LYS C 187 6.17 -29.54 14.70
N GLU C 188 6.50 -30.73 15.19
CA GLU C 188 5.97 -31.99 14.65
C GLU C 188 6.41 -32.23 13.22
N GLY C 189 7.71 -32.06 12.97
CA GLY C 189 8.25 -32.29 11.66
C GLY C 189 7.94 -31.20 10.64
N GLU C 190 7.24 -30.16 11.08
CA GLU C 190 6.88 -29.07 10.18
C GLU C 190 7.20 -27.71 10.78
N PRO C 191 7.46 -26.71 9.92
CA PRO C 191 7.76 -25.38 10.43
C PRO C 191 6.49 -24.79 11.04
N LEU C 192 6.64 -23.92 12.03
CA LEU C 192 5.48 -23.30 12.64
C LEU C 192 4.71 -22.63 11.50
N LYS C 193 3.39 -22.55 11.63
CA LYS C 193 2.55 -21.94 10.59
C LYS C 193 1.83 -20.71 11.14
N LYS C 194 1.15 -19.99 10.25
CA LYS C 194 0.41 -18.82 10.65
C LYS C 194 -0.59 -19.22 11.73
N GLY C 195 -0.74 -18.40 12.75
CA GLY C 195 -1.67 -18.73 13.81
C GLY C 195 -0.99 -19.42 15.00
N ASP C 196 0.07 -20.16 14.73
CA ASP C 196 0.81 -20.84 15.79
C ASP C 196 1.46 -19.80 16.70
N THR C 197 1.85 -20.22 17.89
CA THR C 197 2.51 -19.33 18.84
C THR C 197 3.99 -19.72 18.93
N LEU C 198 4.87 -18.75 18.73
CA LEU C 198 6.31 -19.02 18.80
C LEU C 198 6.86 -18.53 20.12
N VAL C 199 7.29 -19.46 20.97
CA VAL C 199 7.87 -19.15 22.26
C VAL C 199 9.36 -19.41 22.16
N GLN C 200 10.17 -18.50 22.70
CA GLN C 200 11.61 -18.66 22.64
C GLN C 200 12.17 -18.51 24.06
N ALA C 201 12.02 -19.57 24.84
CA ALA C 201 12.47 -19.60 26.23
C ALA C 201 13.97 -19.38 26.40
N ASN C 202 14.77 -20.06 25.58
CA ASN C 202 16.21 -19.92 25.66
C ASN C 202 16.66 -18.51 25.32
N LEU C 203 16.03 -17.92 24.31
CA LEU C 203 16.38 -16.56 23.90
C LEU C 203 15.99 -15.59 25.02
N ALA C 204 14.82 -15.83 25.62
CA ALA C 204 14.35 -14.98 26.71
C ALA C 204 15.36 -14.97 27.86
N LYS C 205 15.92 -16.13 28.17
CA LYS C 205 16.90 -16.23 29.24
C LYS C 205 18.12 -15.38 28.89
N SER C 206 18.56 -15.49 27.64
CA SER C 206 19.71 -14.71 27.17
C SER C 206 19.43 -13.21 27.29
N LEU C 207 18.23 -12.79 26.90
CA LEU C 207 17.83 -11.39 26.98
C LEU C 207 17.79 -10.93 28.44
N GLU C 208 17.24 -11.76 29.31
CA GLU C 208 17.16 -11.44 30.72
C GLU C 208 18.54 -11.21 31.32
N MSE C 209 19.50 -12.06 30.96
CA MSE C 209 20.86 -11.94 31.47
C MSE C 209 21.58 -10.72 30.89
O MSE C 209 22.37 -10.07 31.57
CB MSE C 209 21.65 -13.22 31.17
CG MSE C 209 21.15 -14.45 31.94
SE MSE C 209 21.29 -14.24 33.87
CE MSE C 209 19.55 -13.49 34.19
N ILE C 210 21.32 -10.41 29.61
CA ILE C 210 21.93 -9.23 29.01
C ILE C 210 21.38 -8.02 29.75
N ALA C 211 20.07 -8.03 29.99
CA ALA C 211 19.43 -6.92 30.69
C ALA C 211 20.03 -6.76 32.09
N GLU C 212 20.27 -7.88 32.76
CA GLU C 212 20.81 -7.84 34.11
C GLU C 212 22.32 -7.58 34.20
N ASN C 213 23.10 -8.21 33.32
CA ASN C 213 24.55 -8.08 33.34
C ASN C 213 25.13 -7.09 32.33
N GLY C 214 24.30 -6.62 31.40
CA GLY C 214 24.79 -5.70 30.39
C GLY C 214 25.41 -6.47 29.23
N PRO C 215 26.01 -5.78 28.25
CA PRO C 215 26.62 -6.45 27.10
C PRO C 215 27.68 -7.52 27.42
N ASP C 216 28.32 -7.43 28.59
CA ASP C 216 29.33 -8.42 28.96
C ASP C 216 28.77 -9.85 28.98
N GLU C 217 27.46 -9.97 29.19
CA GLU C 217 26.84 -11.30 29.20
C GLU C 217 27.09 -11.96 27.85
N PHE C 218 26.87 -11.19 26.79
CA PHE C 218 27.06 -11.70 25.43
C PHE C 218 28.52 -11.92 25.03
N TYR C 219 29.38 -10.97 25.39
CA TYR C 219 30.79 -11.04 25.01
C TYR C 219 31.76 -11.67 26.01
N LYS C 220 31.33 -11.88 27.25
CA LYS C 220 32.21 -12.47 28.26
C LYS C 220 31.55 -13.54 29.13
N GLY C 221 30.23 -13.47 29.27
CA GLY C 221 29.52 -14.40 30.13
C GLY C 221 29.05 -15.72 29.54
N THR C 222 27.96 -16.23 30.10
CA THR C 222 27.39 -17.50 29.66
C THR C 222 27.12 -17.55 28.17
N ILE C 223 26.55 -16.48 27.61
CA ILE C 223 26.27 -16.47 26.18
C ILE C 223 27.56 -16.64 25.38
N ALA C 224 28.61 -15.94 25.79
CA ALA C 224 29.89 -16.02 25.09
C ALA C 224 30.41 -17.46 25.10
N GLU C 225 30.31 -18.12 26.24
CA GLU C 225 30.79 -19.49 26.35
C GLU C 225 29.92 -20.42 25.49
N GLN C 226 28.61 -20.16 25.46
CA GLN C 226 27.71 -20.99 24.65
C GLN C 226 28.04 -20.85 23.17
N ILE C 227 28.48 -19.66 22.76
CA ILE C 227 28.87 -19.45 21.36
C ILE C 227 30.19 -20.18 21.09
N ALA C 228 31.16 -20.01 21.98
CA ALA C 228 32.47 -20.64 21.83
C ALA C 228 32.38 -22.16 21.87
N GLN C 229 31.49 -22.65 22.71
CA GLN C 229 31.27 -24.09 22.87
C GLN C 229 30.63 -24.69 21.62
N GLU C 230 29.64 -24.00 21.07
CA GLU C 230 28.95 -24.45 19.86
C GLU C 230 29.99 -24.53 18.73
N MSE C 231 30.87 -23.53 18.68
CA MSE C 231 31.91 -23.46 17.66
C MSE C 231 32.96 -24.55 17.80
O MSE C 231 33.34 -25.20 16.82
CB MSE C 231 32.61 -22.09 17.70
CG MSE C 231 31.76 -20.92 17.26
SE MSE C 231 31.27 -21.03 15.39
CE MSE C 231 29.47 -21.60 15.67
N GLN C 232 33.46 -24.75 19.01
CA GLN C 232 34.50 -25.76 19.22
C GLN C 232 33.96 -27.14 18.92
N LYS C 233 32.80 -27.46 19.48
CA LYS C 233 32.21 -28.78 19.28
C LYS C 233 31.94 -29.11 17.82
N ASN C 234 31.50 -28.13 17.04
CA ASN C 234 31.18 -28.40 15.64
C ASN C 234 32.07 -27.81 14.56
N GLY C 235 33.33 -27.57 14.87
CA GLY C 235 34.26 -27.06 13.88
C GLY C 235 34.25 -25.58 13.52
N GLY C 236 33.80 -24.73 14.44
CA GLY C 236 33.77 -23.30 14.18
C GLY C 236 35.03 -22.62 14.67
N LEU C 237 35.17 -21.32 14.41
CA LEU C 237 36.37 -20.59 14.83
C LEU C 237 36.18 -19.54 15.93
N ILE C 238 34.96 -19.06 16.13
CA ILE C 238 34.73 -18.05 17.15
C ILE C 238 35.05 -18.53 18.56
N THR C 239 35.97 -17.82 19.22
CA THR C 239 36.39 -18.16 20.58
C THR C 239 36.00 -17.04 21.53
N LYS C 240 36.18 -17.28 22.83
CA LYS C 240 35.87 -16.25 23.81
C LYS C 240 36.84 -15.10 23.63
N GLU C 241 38.01 -15.40 23.08
CA GLU C 241 39.01 -14.37 22.84
C GLU C 241 38.47 -13.44 21.76
N ASP C 242 37.86 -14.00 20.72
CA ASP C 242 37.30 -13.20 19.64
C ASP C 242 36.17 -12.32 20.17
N LEU C 243 35.31 -12.90 20.99
CA LEU C 243 34.19 -12.17 21.55
C LEU C 243 34.64 -11.03 22.44
N ALA C 244 35.63 -11.30 23.29
CA ALA C 244 36.16 -10.29 24.20
C ALA C 244 36.88 -9.16 23.46
N ALA C 245 37.40 -9.46 22.28
CA ALA C 245 38.12 -8.45 21.50
C ALA C 245 37.22 -7.65 20.57
N TYR C 246 35.97 -8.07 20.42
CA TYR C 246 35.08 -7.34 19.53
C TYR C 246 34.74 -5.94 20.02
N LYS C 247 34.57 -5.03 19.09
CA LYS C 247 34.15 -3.68 19.46
C LYS C 247 33.42 -3.00 18.31
N ALA C 248 32.37 -2.28 18.65
CA ALA C 248 31.62 -1.52 17.66
C ALA C 248 32.51 -0.30 17.49
N VAL C 249 32.50 0.29 16.31
CA VAL C 249 33.36 1.44 16.03
C VAL C 249 32.57 2.62 15.51
N GLU C 250 32.69 3.77 16.17
CA GLU C 250 32.00 4.95 15.71
C GLU C 250 32.87 5.56 14.61
N ARG C 251 32.27 5.85 13.46
CA ARG C 251 33.02 6.40 12.35
C ARG C 251 32.35 7.66 11.83
N THR C 252 33.07 8.41 11.00
CA THR C 252 32.53 9.63 10.43
C THR C 252 31.69 9.28 9.20
N PRO C 253 30.44 9.75 9.15
CA PRO C 253 29.56 9.45 8.02
C PRO C 253 30.06 10.02 6.71
N ILE C 254 29.67 9.38 5.60
CA ILE C 254 30.02 9.91 4.29
C ILE C 254 28.98 11.00 4.11
N SER C 255 29.36 12.15 3.57
CA SER C 255 28.38 13.20 3.37
C SER C 255 28.56 13.83 1.99
N GLY C 256 27.44 14.21 1.39
CA GLY C 256 27.49 14.84 0.08
C GLY C 256 26.40 15.88 -0.05
N ASP C 257 26.55 16.75 -1.03
CA ASP C 257 25.57 17.79 -1.27
C ASP C 257 24.93 17.53 -2.61
N TYR C 258 23.60 17.45 -2.62
CA TYR C 258 22.86 17.21 -3.85
C TYR C 258 21.78 18.27 -4.01
N ARG C 259 22.00 19.20 -4.93
CA ARG C 259 21.04 20.27 -5.18
C ARG C 259 20.64 21.01 -3.91
N GLY C 260 21.60 21.24 -3.03
CA GLY C 260 21.31 21.96 -1.80
C GLY C 260 21.01 21.10 -0.60
N TYR C 261 20.73 19.81 -0.83
CA TYR C 261 20.44 18.89 0.26
C TYR C 261 21.73 18.25 0.71
N GLN C 262 21.82 17.93 2.00
CA GLN C 262 23.01 17.28 2.52
C GLN C 262 22.65 15.81 2.72
N VAL C 263 23.38 14.92 2.06
CA VAL C 263 23.12 13.48 2.15
C VAL C 263 24.17 12.79 3.03
N TYR C 264 23.69 12.15 4.10
CA TYR C 264 24.57 11.45 5.02
C TYR C 264 24.34 9.96 4.94
N SER C 265 25.41 9.19 4.78
CA SER C 265 25.26 7.74 4.70
C SER C 265 26.43 7.02 5.33
N MSE C 266 26.35 5.69 5.34
CA MSE C 266 27.35 4.83 5.95
C MSE C 266 28.68 4.76 5.20
O MSE C 266 28.73 4.50 4.00
CB MSE C 266 26.77 3.43 6.12
CG MSE C 266 27.47 2.58 7.16
SE MSE C 266 27.27 3.27 8.96
CE MSE C 266 25.71 4.34 8.77
N PRO C 267 29.79 4.99 5.91
CA PRO C 267 31.13 4.95 5.32
C PRO C 267 31.66 3.52 5.40
N PRO C 268 32.83 3.26 4.78
CA PRO C 268 33.40 1.90 4.83
C PRO C 268 33.44 1.47 6.29
N PRO C 269 33.27 0.16 6.58
CA PRO C 269 33.05 -1.02 5.74
C PRO C 269 31.81 -1.10 4.85
N SER C 270 31.02 -0.03 4.80
CA SER C 270 29.86 -0.05 3.91
C SER C 270 30.36 0.38 2.53
N SER C 271 29.89 -0.31 1.50
CA SER C 271 30.27 0.02 0.13
C SER C 271 29.06 0.63 -0.55
N GLY C 272 28.21 1.29 0.23
CA GLY C 272 27.01 1.91 -0.31
C GLY C 272 26.98 3.41 -0.13
N GLY C 273 27.31 3.88 1.06
CA GLY C 273 27.31 5.31 1.31
C GLY C 273 28.10 6.09 0.27
N ILE C 274 29.36 5.71 0.08
CA ILE C 274 30.22 6.38 -0.89
C ILE C 274 29.63 6.41 -2.28
N HIS C 275 29.12 5.26 -2.73
CA HIS C 275 28.56 5.18 -4.08
C HIS C 275 27.22 5.85 -4.27
N ILE C 276 26.44 5.97 -3.20
CA ILE C 276 25.16 6.66 -3.30
C ILE C 276 25.51 8.13 -3.56
N VAL C 277 26.47 8.64 -2.79
CA VAL C 277 26.93 10.01 -2.93
C VAL C 277 27.57 10.22 -4.30
N GLN C 278 28.36 9.24 -4.74
CA GLN C 278 29.02 9.33 -6.05
C GLN C 278 28.00 9.44 -7.18
N ILE C 279 27.03 8.53 -7.19
CA ILE C 279 26.01 8.54 -8.23
C ILE C 279 25.22 9.83 -8.21
N LEU C 280 24.93 10.33 -7.01
CA LEU C 280 24.21 11.59 -6.89
C LEU C 280 25.05 12.73 -7.47
N ASN C 281 26.36 12.70 -7.23
CA ASN C 281 27.23 13.73 -7.77
C ASN C 281 27.14 13.73 -9.29
N ILE C 282 27.10 12.52 -9.87
CA ILE C 282 26.99 12.39 -11.31
C ILE C 282 25.66 12.91 -11.81
N LEU C 283 24.57 12.45 -11.18
CA LEU C 283 23.23 12.86 -11.57
C LEU C 283 22.98 14.36 -11.46
N GLU C 284 23.67 15.01 -10.53
CA GLU C 284 23.47 16.43 -10.33
C GLU C 284 23.72 17.24 -11.61
N ASN C 285 24.54 16.68 -12.50
CA ASN C 285 24.86 17.33 -13.77
C ASN C 285 23.72 17.26 -14.77
N PHE C 286 22.62 16.63 -14.38
CA PHE C 286 21.47 16.49 -15.25
C PHE C 286 20.21 17.08 -14.62
N ASP C 287 19.27 17.48 -15.47
CA ASP C 287 18.01 18.04 -14.98
C ASP C 287 17.05 16.85 -14.87
N MSE C 288 17.32 15.98 -13.91
CA MSE C 288 16.49 14.79 -13.69
C MSE C 288 15.01 15.13 -13.65
O MSE C 288 14.19 14.40 -14.19
CB MSE C 288 16.90 14.09 -12.38
CG MSE C 288 18.33 13.57 -12.38
SE MSE C 288 18.71 12.44 -13.91
CE MSE C 288 17.76 10.86 -13.37
N LYS C 289 14.68 16.25 -13.02
CA LYS C 289 13.31 16.69 -12.92
C LYS C 289 12.66 16.88 -14.28
N LYS C 290 13.45 17.31 -15.27
CA LYS C 290 12.93 17.52 -16.62
C LYS C 290 12.46 16.23 -17.28
N TYR C 291 13.29 15.20 -17.20
CA TYR C 291 12.96 13.91 -17.79
C TYR C 291 11.79 13.26 -17.06
N GLY C 292 11.88 13.20 -15.74
CA GLY C 292 10.81 12.63 -14.96
C GLY C 292 10.89 11.14 -14.66
N PHE C 293 10.18 10.74 -13.60
CA PHE C 293 10.16 9.35 -13.19
C PHE C 293 9.66 8.41 -14.28
N GLY C 294 10.30 7.26 -14.40
CA GLY C 294 9.88 6.27 -15.39
C GLY C 294 10.06 6.68 -16.83
N SER C 295 10.85 7.71 -17.07
CA SER C 295 11.11 8.17 -18.43
C SER C 295 12.35 7.43 -18.93
N ALA C 296 12.39 7.15 -20.23
CA ALA C 296 13.54 6.43 -20.78
C ALA C 296 14.84 7.19 -20.52
N ASP C 297 14.82 8.51 -20.68
CA ASP C 297 16.02 9.32 -20.45
C ASP C 297 16.53 9.30 -19.01
N ALA C 298 15.63 9.48 -18.06
CA ALA C 298 16.03 9.48 -16.64
C ALA C 298 16.65 8.13 -16.28
N MSE C 299 16.01 7.05 -16.72
CA MSE C 299 16.50 5.70 -16.43
C MSE C 299 17.83 5.41 -17.14
O MSE C 299 18.70 4.75 -16.57
CB MSE C 299 15.43 4.68 -16.84
CG MSE C 299 14.15 4.75 -15.98
SE MSE C 299 12.69 3.64 -16.63
CE MSE C 299 13.42 1.93 -16.19
N GLN C 300 17.98 5.90 -18.36
CA GLN C 300 19.22 5.72 -19.12
C GLN C 300 20.37 6.39 -18.37
N ILE C 301 20.18 7.66 -18.03
CA ILE C 301 21.19 8.43 -17.31
C ILE C 301 21.60 7.73 -16.01
N MSE C 302 20.61 7.33 -15.21
CA MSE C 302 20.91 6.66 -13.95
C MSE C 302 21.56 5.29 -14.11
O MSE C 302 22.47 4.94 -13.35
CB MSE C 302 19.63 6.55 -13.11
CG MSE C 302 19.17 7.89 -12.56
SE MSE C 302 17.58 7.81 -11.45
CE MSE C 302 18.23 6.56 -10.16
N ALA C 303 21.11 4.52 -15.09
CA ALA C 303 21.69 3.20 -15.31
C ALA C 303 23.16 3.37 -15.69
N GLU C 304 23.44 4.35 -16.55
CA GLU C 304 24.80 4.63 -16.99
C GLU C 304 25.66 5.06 -15.80
N ALA C 305 25.16 6.02 -15.01
CA ALA C 305 25.91 6.49 -13.85
C ALA C 305 26.23 5.34 -12.91
N GLU C 306 25.27 4.43 -12.74
CA GLU C 306 25.45 3.29 -11.86
C GLU C 306 26.59 2.38 -12.32
N LYS C 307 26.74 2.23 -13.63
CA LYS C 307 27.81 1.38 -14.16
C LYS C 307 29.18 1.81 -13.63
N TYR C 308 29.51 3.08 -13.83
CA TYR C 308 30.80 3.60 -13.39
C TYR C 308 31.00 3.47 -11.89
N ALA C 309 29.95 3.75 -11.12
CA ALA C 309 30.02 3.68 -9.66
C ALA C 309 30.28 2.26 -9.18
N TYR C 310 29.59 1.29 -9.77
CA TYR C 310 29.76 -0.11 -9.38
C TYR C 310 31.12 -0.63 -9.81
N ALA C 311 31.63 -0.14 -10.93
CA ALA C 311 32.95 -0.55 -11.39
C ALA C 311 33.97 -0.11 -10.33
N ASP C 312 33.84 1.13 -9.88
CA ASP C 312 34.74 1.65 -8.85
C ASP C 312 34.64 0.88 -7.54
N ARG C 313 33.43 0.51 -7.14
CA ARG C 313 33.27 -0.22 -5.89
C ARG C 313 33.95 -1.58 -5.93
N SER C 314 33.97 -2.21 -7.10
CA SER C 314 34.61 -3.51 -7.23
C SER C 314 36.13 -3.44 -7.08
N GLU C 315 36.66 -2.22 -7.05
CA GLU C 315 38.10 -2.03 -6.97
C GLU C 315 38.68 -1.34 -5.73
N TYR C 316 38.04 -0.26 -5.30
CA TYR C 316 38.57 0.53 -4.18
C TYR C 316 37.99 0.36 -2.77
N LEU C 317 36.97 -0.47 -2.61
CA LEU C 317 36.35 -0.63 -1.30
C LEU C 317 36.83 -1.79 -0.42
N GLY C 318 36.90 -1.52 0.88
CA GLY C 318 37.32 -2.52 1.84
C GLY C 318 37.19 -2.01 3.26
N ASP C 319 37.57 -2.84 4.23
CA ASP C 319 37.52 -2.46 5.64
C ASP C 319 38.57 -1.36 5.85
N PRO C 320 38.12 -0.14 6.16
CA PRO C 320 39.02 1.00 6.39
C PRO C 320 40.14 0.79 7.41
N ASP C 321 39.97 -0.19 8.30
CA ASP C 321 41.00 -0.45 9.30
C ASP C 321 42.12 -1.31 8.71
N PHE C 322 41.90 -1.81 7.50
CA PHE C 322 42.90 -2.66 6.85
C PHE C 322 43.39 -2.09 5.53
N VAL C 323 42.55 -1.31 4.85
CA VAL C 323 42.95 -0.73 3.58
C VAL C 323 42.48 0.71 3.48
N LYS C 324 43.32 1.56 2.90
CA LYS C 324 42.97 2.96 2.73
C LYS C 324 41.99 3.07 1.58
N VAL C 325 40.81 3.62 1.87
CA VAL C 325 39.80 3.80 0.84
C VAL C 325 39.84 5.24 0.36
N PRO C 326 40.00 5.44 -0.96
CA PRO C 326 40.05 6.80 -1.52
C PRO C 326 38.65 7.40 -1.60
N TRP C 327 38.01 7.56 -0.45
CA TRP C 327 36.66 8.10 -0.42
C TRP C 327 36.55 9.54 -0.89
N GLN C 328 37.58 10.35 -0.64
CA GLN C 328 37.54 11.74 -1.07
C GLN C 328 37.44 11.85 -2.58
N ALA C 329 38.26 11.07 -3.27
CA ALA C 329 38.28 11.06 -4.73
C ALA C 329 36.95 10.55 -5.28
N LEU C 330 36.53 9.39 -4.79
CA LEU C 330 35.28 8.77 -5.23
C LEU C 330 34.10 9.72 -5.09
N THR C 331 34.12 10.55 -4.06
CA THR C 331 33.03 11.50 -3.83
C THR C 331 33.33 12.91 -4.35
N ASN C 332 34.40 13.02 -5.13
CA ASN C 332 34.79 14.31 -5.70
C ASN C 332 33.88 14.70 -6.87
N LYS C 333 33.32 15.90 -6.83
CA LYS C 333 32.41 16.36 -7.88
C LYS C 333 33.06 16.57 -9.25
N ALA C 334 34.35 16.88 -9.26
CA ALA C 334 35.05 17.06 -10.53
C ALA C 334 35.11 15.69 -11.20
N TYR C 335 35.40 14.67 -10.41
CA TYR C 335 35.47 13.31 -10.92
C TYR C 335 34.09 12.88 -11.42
N ALA C 336 33.06 13.21 -10.65
CA ALA C 336 31.70 12.87 -11.04
C ALA C 336 31.38 13.55 -12.36
N LYS C 337 31.86 14.79 -12.51
CA LYS C 337 31.62 15.55 -13.73
C LYS C 337 32.26 14.85 -14.95
N SER C 338 33.45 14.29 -14.76
CA SER C 338 34.13 13.61 -15.84
C SER C 338 33.33 12.38 -16.28
N ILE C 339 32.57 11.81 -15.35
CA ILE C 339 31.75 10.64 -15.65
C ILE C 339 30.48 11.06 -16.40
N ALA C 340 29.84 12.13 -15.92
CA ALA C 340 28.62 12.62 -16.54
C ALA C 340 28.84 12.99 -18.01
N ASP C 341 30.06 13.40 -18.33
CA ASP C 341 30.40 13.79 -19.70
C ASP C 341 30.50 12.61 -20.66
N GLN C 342 30.67 11.41 -20.11
CA GLN C 342 30.80 10.21 -20.94
C GLN C 342 29.46 9.53 -21.21
N ILE C 343 28.41 9.94 -20.50
CA ILE C 343 27.12 9.30 -20.71
C ILE C 343 26.28 9.94 -21.81
N ASP C 344 25.87 9.10 -22.76
CA ASP C 344 25.07 9.50 -23.90
C ASP C 344 23.61 9.13 -23.63
N ILE C 345 22.74 10.12 -23.53
CA ILE C 345 21.33 9.86 -23.26
C ILE C 345 20.65 9.05 -24.36
N ASN C 346 21.36 8.83 -25.47
CA ASN C 346 20.79 8.07 -26.59
C ASN C 346 21.52 6.78 -26.89
N LYS C 347 22.62 6.52 -26.20
CA LYS C 347 23.37 5.30 -26.42
C LYS C 347 24.10 4.84 -25.18
N ALA C 348 23.81 3.62 -24.75
CA ALA C 348 24.45 3.05 -23.57
C ALA C 348 25.86 2.59 -23.90
N LYS C 349 26.74 2.64 -22.92
CA LYS C 349 28.11 2.19 -23.11
C LYS C 349 28.24 0.81 -22.48
N PRO C 350 28.52 -0.23 -23.29
CA PRO C 350 28.66 -1.58 -22.77
C PRO C 350 29.58 -1.62 -21.55
N SER C 351 29.22 -2.45 -20.56
CA SER C 351 30.01 -2.58 -19.34
C SER C 351 31.43 -3.07 -19.63
N SER C 352 31.57 -3.89 -20.66
CA SER C 352 32.88 -4.43 -21.04
C SER C 352 33.81 -3.31 -21.51
N GLU C 353 33.24 -2.11 -21.61
CA GLU C 353 33.98 -0.94 -22.06
C GLU C 353 34.22 0.02 -20.89
N ILE C 354 33.74 -0.36 -19.71
CA ILE C 354 33.88 0.47 -18.51
C ILE C 354 34.76 -0.20 -17.45
N ARG C 355 35.69 0.56 -16.91
CA ARG C 355 36.62 0.06 -15.89
C ARG C 355 36.69 1.03 -14.71
N PRO C 356 37.33 0.61 -13.60
CA PRO C 356 37.43 1.51 -12.45
C PRO C 356 38.08 2.81 -12.92
N GLY C 357 37.57 3.95 -12.46
CA GLY C 357 38.12 5.22 -12.87
C GLY C 357 39.52 5.47 -12.33
N LYS C 358 40.22 6.41 -12.92
CA LYS C 358 41.56 6.77 -12.48
C LYS C 358 41.39 7.92 -11.51
N LEU C 359 41.72 7.68 -10.24
CA LEU C 359 41.54 8.67 -9.20
C LEU C 359 42.73 9.59 -8.94
N ALA C 360 43.91 9.21 -9.42
CA ALA C 360 45.12 10.01 -9.22
C ALA C 360 44.88 11.52 -9.35
N PRO C 361 44.26 11.95 -10.45
CA PRO C 361 44.01 13.38 -10.66
C PRO C 361 43.05 14.03 -9.68
N TYR C 362 42.54 13.25 -8.72
CA TYR C 362 41.61 13.78 -7.73
C TYR C 362 42.07 13.50 -6.31
N GLU C 363 43.27 12.97 -6.16
CA GLU C 363 43.82 12.67 -4.84
C GLU C 363 44.26 13.96 -4.14
N THR D 1 18.63 -9.62 5.87
CA THR D 1 18.88 -8.17 6.20
C THR D 1 17.57 -7.42 6.38
N THR D 2 17.57 -6.41 7.26
CA THR D 2 16.37 -5.61 7.50
C THR D 2 16.74 -4.19 7.93
N HIS D 3 15.90 -3.22 7.57
CA HIS D 3 16.14 -1.83 7.92
C HIS D 3 14.95 -1.19 8.63
N TYR D 4 15.23 -0.29 9.58
CA TYR D 4 14.16 0.42 10.27
C TYR D 4 14.60 1.85 10.58
N SER D 5 13.63 2.76 10.68
CA SER D 5 13.92 4.16 10.94
C SER D 5 13.11 4.71 12.11
N VAL D 6 13.68 5.68 12.80
CA VAL D 6 13.02 6.28 13.97
C VAL D 6 13.27 7.77 14.06
N VAL D 7 12.23 8.53 14.41
CA VAL D 7 12.35 9.98 14.61
C VAL D 7 11.51 10.31 15.84
N ASP D 8 12.10 11.02 16.81
CA ASP D 8 11.36 11.37 18.02
C ASP D 8 10.82 12.80 18.00
N LYS D 9 10.05 13.14 19.03
CA LYS D 9 9.43 14.45 19.16
C LYS D 9 10.41 15.62 19.24
N ASP D 10 11.68 15.33 19.56
CA ASP D 10 12.67 16.39 19.67
C ASP D 10 13.44 16.58 18.36
N GLY D 11 13.13 15.76 17.37
CA GLY D 11 13.82 15.88 16.10
C GLY D 11 15.04 15.00 15.93
N ASN D 12 15.32 14.12 16.90
CA ASN D 12 16.46 13.21 16.79
C ASN D 12 16.07 12.13 15.79
N ALA D 13 17.04 11.62 15.03
CA ALA D 13 16.77 10.60 14.04
C ALA D 13 17.78 9.47 14.08
N VAL D 14 17.31 8.25 13.81
CA VAL D 14 18.15 7.07 13.79
C VAL D 14 17.73 6.18 12.63
N ALA D 15 18.72 5.64 11.91
CA ALA D 15 18.48 4.75 10.78
C ALA D 15 19.33 3.51 11.07
N VAL D 16 18.70 2.35 11.12
CA VAL D 16 19.41 1.10 11.41
C VAL D 16 19.19 0.01 10.37
N THR D 17 20.28 -0.58 9.89
CA THR D 17 20.19 -1.69 8.95
C THR D 17 21.07 -2.76 9.58
N TYR D 18 20.50 -3.93 9.88
CA TYR D 18 21.31 -4.99 10.44
C TYR D 18 20.90 -6.33 9.85
N THR D 19 21.70 -7.38 10.08
CA THR D 19 21.40 -8.65 9.42
C THR D 19 22.17 -9.85 9.96
N LEU D 20 21.83 -11.02 9.41
CA LEU D 20 22.50 -12.29 9.73
C LEU D 20 23.14 -12.73 8.41
N ASN D 21 22.97 -11.88 7.41
CA ASN D 21 23.42 -12.06 6.03
C ASN D 21 22.25 -12.69 5.27
N THR D 22 22.21 -14.01 5.10
CA THR D 22 21.07 -14.61 4.41
C THR D 22 19.91 -14.77 5.39
N THR D 23 18.77 -15.24 4.90
CA THR D 23 17.59 -15.41 5.75
C THR D 23 17.83 -16.48 6.81
N PHE D 24 17.77 -16.08 8.08
CA PHE D 24 18.02 -16.98 9.21
C PHE D 24 19.51 -17.28 9.34
N GLY D 25 20.33 -16.62 8.52
CA GLY D 25 21.77 -16.85 8.56
C GLY D 25 22.10 -18.31 8.31
N THR D 26 23.02 -18.86 9.12
CA THR D 26 23.42 -20.27 8.98
C THR D 26 22.29 -21.21 9.39
N GLY D 27 21.33 -20.70 10.16
CA GLY D 27 20.25 -21.53 10.63
C GLY D 27 20.67 -22.26 11.89
N ILE D 28 21.88 -21.94 12.36
CA ILE D 28 22.44 -22.58 13.56
C ILE D 28 22.26 -21.74 14.83
N VAL D 29 21.58 -22.30 15.83
CA VAL D 29 21.43 -21.59 17.08
C VAL D 29 22.66 -21.92 17.93
N ALA D 30 23.17 -20.95 18.66
CA ALA D 30 24.34 -21.17 19.50
C ALA D 30 23.96 -21.86 20.80
N GLY D 31 24.07 -23.18 20.82
CA GLY D 31 23.73 -23.95 22.01
C GLY D 31 22.36 -23.61 22.57
N GLU D 32 22.30 -23.43 23.89
CA GLU D 32 21.05 -23.13 24.56
C GLU D 32 20.77 -21.64 24.71
N SER D 33 21.45 -20.80 23.92
CA SER D 33 21.26 -19.36 24.01
C SER D 33 20.03 -18.90 23.24
N GLY D 34 19.60 -19.72 22.28
CA GLY D 34 18.45 -19.41 21.46
C GLY D 34 18.76 -18.36 20.40
N ILE D 35 20.04 -18.07 20.22
CA ILE D 35 20.46 -17.05 19.25
C ILE D 35 20.98 -17.63 17.94
N LEU D 36 20.33 -17.25 16.84
CA LEU D 36 20.75 -17.72 15.51
C LEU D 36 22.06 -17.05 15.13
N LEU D 37 22.95 -17.80 14.48
CA LEU D 37 24.25 -17.29 14.08
C LEU D 37 24.31 -16.89 12.61
N ASN D 38 24.95 -15.76 12.35
CA ASN D 38 25.13 -15.21 11.00
C ASN D 38 26.05 -16.05 10.13
N ASN D 39 25.96 -15.86 8.81
CA ASN D 39 26.86 -16.50 7.86
C ASN D 39 27.48 -15.35 7.05
N GLN D 40 27.92 -14.33 7.79
CA GLN D 40 28.51 -13.12 7.21
C GLN D 40 29.84 -13.35 6.50
N MSE D 41 30.55 -14.42 6.85
CA MSE D 41 31.84 -14.71 6.24
C MSE D 41 31.73 -14.87 4.73
O MSE D 41 32.72 -14.68 4.01
CB MSE D 41 32.46 -15.97 6.86
CG MSE D 41 32.74 -15.87 8.34
SE MSE D 41 34.08 -14.54 8.79
CE MSE D 41 35.65 -15.51 8.20
N ASP D 42 30.54 -15.20 4.25
CA ASP D 42 30.33 -15.37 2.81
C ASP D 42 30.37 -14.04 2.10
N ASP D 43 30.32 -12.95 2.85
CA ASP D 43 30.35 -11.63 2.25
C ASP D 43 31.77 -11.17 1.91
N PHE D 44 32.74 -12.03 2.20
CA PHE D 44 34.14 -11.75 1.87
C PHE D 44 34.36 -12.32 0.47
N SER D 45 35.38 -11.81 -0.23
CA SER D 45 35.71 -12.32 -1.55
C SER D 45 36.45 -13.64 -1.28
N ALA D 46 35.81 -14.76 -1.63
CA ALA D 46 36.38 -16.08 -1.40
C ALA D 46 37.78 -16.30 -1.97
N LYS D 47 38.07 -15.71 -3.12
CA LYS D 47 39.37 -15.86 -3.74
C LYS D 47 39.91 -14.54 -4.29
N GLY D 58 35.69 -9.02 -5.48
CA GLY D 58 36.56 -7.86 -5.57
C GLY D 58 38.03 -8.21 -5.40
N GLY D 59 38.87 -7.18 -5.36
CA GLY D 59 40.29 -7.40 -5.19
C GLY D 59 40.62 -7.90 -3.79
N ASP D 60 41.90 -7.94 -3.46
CA ASP D 60 42.32 -8.40 -2.13
C ASP D 60 41.73 -7.51 -1.05
N ALA D 61 41.20 -6.37 -1.45
CA ALA D 61 40.60 -5.43 -0.51
C ALA D 61 39.58 -6.10 0.40
N ASN D 62 38.70 -6.91 -0.18
CA ASN D 62 37.67 -7.59 0.60
C ASN D 62 37.96 -9.09 0.76
N ALA D 63 39.23 -9.45 0.84
CA ALA D 63 39.61 -10.85 1.01
C ALA D 63 39.48 -11.25 2.48
N VAL D 64 39.18 -12.52 2.72
CA VAL D 64 39.05 -13.00 4.10
C VAL D 64 40.36 -12.79 4.84
N GLY D 65 40.27 -12.27 6.06
CA GLY D 65 41.44 -12.02 6.86
C GLY D 65 41.06 -11.93 8.33
N PRO D 66 41.97 -12.32 9.24
CA PRO D 66 41.66 -12.27 10.68
C PRO D 66 41.25 -10.88 11.16
N ASN D 67 40.21 -10.83 11.99
CA ASN D 67 39.69 -9.60 12.57
C ASN D 67 39.14 -8.57 11.58
N LYS D 68 39.05 -8.96 10.33
CA LYS D 68 38.56 -8.06 9.29
C LYS D 68 37.03 -8.07 9.21
N ARG D 69 36.45 -6.92 8.87
CA ARG D 69 35.01 -6.80 8.72
C ARG D 69 34.68 -6.92 7.25
N PRO D 70 33.81 -7.88 6.87
CA PRO D 70 33.49 -8.02 5.45
C PRO D 70 32.71 -6.81 4.93
N LEU D 71 32.99 -6.43 3.70
CA LEU D 71 32.32 -5.29 3.07
C LEU D 71 30.82 -5.54 3.01
N SER D 72 30.05 -4.47 3.09
CA SER D 72 28.59 -4.55 3.05
C SER D 72 28.01 -3.42 2.21
N SER D 73 26.82 -3.64 1.66
CA SER D 73 26.14 -2.64 0.85
C SER D 73 25.11 -1.89 1.71
N MSE D 74 24.90 -2.36 2.93
CA MSE D 74 23.93 -1.72 3.82
C MSE D 74 24.20 -0.23 3.90
O MSE D 74 25.33 0.20 4.18
CB MSE D 74 23.97 -2.36 5.21
CG MSE D 74 23.55 -3.83 5.20
SE MSE D 74 23.31 -4.54 7.00
CE MSE D 74 25.15 -4.67 7.51
N SER D 75 23.16 0.56 3.68
CA SER D 75 23.32 2.01 3.68
C SER D 75 22.27 2.84 4.40
N PRO D 76 22.24 2.77 5.75
CA PRO D 76 21.25 3.60 6.45
C PRO D 76 21.59 5.03 6.02
N THR D 77 20.57 5.80 5.67
CA THR D 77 20.80 7.14 5.15
C THR D 77 19.89 8.24 5.68
N ILE D 78 20.48 9.41 5.94
CA ILE D 78 19.70 10.55 6.44
C ILE D 78 19.96 11.76 5.56
N VAL D 79 18.90 12.34 5.04
CA VAL D 79 19.01 13.52 4.18
C VAL D 79 18.58 14.74 4.97
N VAL D 80 19.40 15.79 4.91
CA VAL D 80 19.14 17.03 5.62
C VAL D 80 18.76 18.15 4.64
N LYS D 81 17.71 18.88 4.98
CA LYS D 81 17.23 19.99 4.16
C LYS D 81 17.16 21.26 5.00
N ASP D 82 17.80 22.32 4.51
CA ASP D 82 17.83 23.60 5.22
C ASP D 82 18.30 23.40 6.65
N GLY D 83 19.36 22.62 6.83
CA GLY D 83 19.91 22.39 8.15
C GLY D 83 19.14 21.46 9.07
N LYS D 84 18.02 20.91 8.58
CA LYS D 84 17.23 20.00 9.40
C LYS D 84 17.00 18.64 8.76
N THR D 85 16.98 17.60 9.58
CA THR D 85 16.74 16.24 9.10
C THR D 85 15.45 16.29 8.31
N TRP D 86 15.48 15.70 7.11
CA TRP D 86 14.34 15.73 6.22
C TRP D 86 13.86 14.33 5.79
N LEU D 87 14.80 13.44 5.50
CA LEU D 87 14.45 12.08 5.10
C LEU D 87 15.35 11.06 5.79
N VAL D 88 14.73 10.04 6.37
CA VAL D 88 15.46 8.98 7.05
C VAL D 88 15.05 7.71 6.31
N THR D 89 16.01 6.98 5.75
CA THR D 89 15.67 5.78 5.01
C THR D 89 16.78 4.74 4.99
N GLY D 90 16.52 3.64 4.30
CA GLY D 90 17.47 2.53 4.22
C GLY D 90 16.72 1.32 3.71
N SER D 91 17.41 0.19 3.53
CA SER D 91 16.75 -1.01 3.01
C SER D 91 17.69 -2.19 2.89
N PRO D 92 17.14 -3.41 2.79
CA PRO D 92 17.97 -4.61 2.63
C PRO D 92 18.03 -4.80 1.13
N GLY D 93 18.68 -5.87 0.66
CA GLY D 93 18.76 -6.12 -0.77
C GLY D 93 20.16 -6.32 -1.35
N GLY D 94 21.14 -6.58 -0.50
CA GLY D 94 22.50 -6.77 -0.98
C GLY D 94 22.96 -5.58 -1.82
N SER D 95 23.63 -5.85 -2.94
CA SER D 95 24.11 -4.77 -3.78
C SER D 95 23.00 -3.86 -4.30
N ARG D 96 21.76 -4.36 -4.31
CA ARG D 96 20.63 -3.54 -4.77
C ARG D 96 20.26 -2.44 -3.77
N ILE D 97 20.84 -2.51 -2.57
CA ILE D 97 20.57 -1.51 -1.54
C ILE D 97 20.96 -0.11 -2.04
N ILE D 98 22.13 -0.03 -2.66
CA ILE D 98 22.63 1.24 -3.20
C ILE D 98 21.62 1.93 -4.10
N THR D 99 21.11 1.22 -5.09
CA THR D 99 20.16 1.81 -6.02
C THR D 99 18.77 2.00 -5.44
N THR D 100 18.39 1.15 -4.50
CA THR D 100 17.08 1.30 -3.88
C THR D 100 17.09 2.61 -3.08
N VAL D 101 18.12 2.83 -2.27
CA VAL D 101 18.19 4.07 -1.50
C VAL D 101 18.33 5.28 -2.43
N LEU D 102 19.13 5.12 -3.48
CA LEU D 102 19.33 6.18 -4.45
C LEU D 102 17.98 6.62 -5.02
N GLN D 103 17.12 5.65 -5.34
CA GLN D 103 15.82 5.98 -5.89
C GLN D 103 14.91 6.69 -4.89
N MSE D 104 15.03 6.34 -3.61
CA MSE D 104 14.22 7.01 -2.59
C MSE D 104 14.64 8.49 -2.55
O MSE D 104 13.79 9.38 -2.44
CB MSE D 104 14.46 6.39 -1.21
CG MSE D 104 13.81 5.05 -0.98
SE MSE D 104 11.88 5.14 -1.14
CE MSE D 104 11.53 6.49 0.20
N VAL D 105 15.94 8.75 -2.65
CA VAL D 105 16.44 10.13 -2.62
C VAL D 105 16.05 10.91 -3.87
N VAL D 106 16.27 10.32 -5.05
CA VAL D 106 15.92 10.98 -6.31
C VAL D 106 14.41 11.21 -6.43
N ASN D 107 13.62 10.21 -6.03
CA ASN D 107 12.17 10.32 -6.10
C ASN D 107 11.66 11.48 -5.24
N SER D 108 12.29 11.65 -4.08
CA SER D 108 11.90 12.70 -3.14
C SER D 108 12.37 14.09 -3.55
N ILE D 109 13.63 14.20 -3.92
CA ILE D 109 14.21 15.48 -4.30
C ILE D 109 13.91 15.95 -5.72
N ASP D 110 14.16 15.08 -6.70
CA ASP D 110 13.93 15.46 -8.10
C ASP D 110 12.51 15.39 -8.61
N TYR D 111 11.76 14.37 -8.22
CA TYR D 111 10.40 14.24 -8.70
C TYR D 111 9.33 14.75 -7.73
N GLY D 112 9.78 15.25 -6.59
CA GLY D 112 8.87 15.78 -5.59
C GLY D 112 7.78 14.83 -5.10
N LEU D 113 8.07 13.54 -5.04
CA LEU D 113 7.09 12.54 -4.58
C LEU D 113 7.06 12.49 -3.06
N ASN D 114 5.88 12.30 -2.46
CA ASN D 114 5.83 12.22 -1.00
C ASN D 114 6.47 10.87 -0.64
N VAL D 115 6.82 10.69 0.63
CA VAL D 115 7.50 9.46 1.03
C VAL D 115 6.77 8.16 0.64
N ALA D 116 5.44 8.16 0.63
CA ALA D 116 4.70 6.96 0.25
C ALA D 116 4.76 6.73 -1.27
N GLU D 117 4.60 7.81 -2.04
CA GLU D 117 4.67 7.68 -3.50
C GLU D 117 6.05 7.16 -3.90
N ALA D 118 7.08 7.69 -3.27
CA ALA D 118 8.45 7.30 -3.57
C ALA D 118 8.70 5.83 -3.23
N THR D 119 8.08 5.37 -2.15
CA THR D 119 8.22 4.01 -1.67
C THR D 119 7.50 2.99 -2.57
N ASN D 120 6.31 3.33 -3.03
CA ASN D 120 5.51 2.45 -3.85
C ASN D 120 5.85 2.46 -5.34
N ALA D 121 6.70 3.41 -5.74
CA ALA D 121 7.12 3.52 -7.13
C ALA D 121 8.01 2.35 -7.53
N PRO D 122 7.91 1.89 -8.78
CA PRO D 122 8.74 0.77 -9.24
C PRO D 122 10.23 1.11 -9.25
N ARG D 123 11.06 0.09 -9.13
CA ARG D 123 12.50 0.29 -9.09
C ARG D 123 13.27 -0.39 -10.22
N PHE D 124 14.38 0.21 -10.63
CA PHE D 124 15.25 -0.37 -11.65
C PHE D 124 16.66 -0.42 -11.07
N HIS D 125 17.57 -1.12 -11.73
CA HIS D 125 18.90 -1.28 -11.17
C HIS D 125 19.92 -1.82 -12.17
N HIS D 126 21.11 -1.24 -12.16
CA HIS D 126 22.18 -1.69 -13.06
C HIS D 126 23.45 -1.72 -12.22
N GLN D 127 24.04 -2.90 -12.06
CA GLN D 127 25.24 -3.00 -11.26
C GLN D 127 26.53 -3.27 -12.05
N TRP D 128 26.60 -2.73 -13.26
CA TRP D 128 27.78 -2.89 -14.11
C TRP D 128 27.88 -4.32 -14.64
N LEU D 129 28.13 -5.26 -13.74
CA LEU D 129 28.22 -6.68 -14.09
C LEU D 129 27.27 -7.46 -13.19
N PRO D 130 26.33 -8.22 -13.79
CA PRO D 130 26.11 -8.38 -15.22
C PRO D 130 25.59 -7.12 -15.91
N ASP D 131 25.85 -7.01 -17.21
CA ASP D 131 25.41 -5.86 -17.97
C ASP D 131 23.94 -6.00 -18.34
N GLU D 132 23.07 -5.69 -17.38
CA GLU D 132 21.64 -5.76 -17.58
C GLU D 132 20.97 -4.69 -16.73
N LEU D 133 19.98 -4.02 -17.31
CA LEU D 133 19.23 -3.00 -16.60
C LEU D 133 18.02 -3.74 -16.03
N ARG D 134 18.16 -4.21 -14.80
CA ARG D 134 17.12 -4.95 -14.11
C ARG D 134 15.95 -4.06 -13.69
N VAL D 135 14.74 -4.56 -13.86
CA VAL D 135 13.54 -3.80 -13.47
C VAL D 135 12.50 -4.67 -12.80
N GLU D 136 11.60 -4.01 -12.06
CA GLU D 136 10.50 -4.69 -11.40
C GLU D 136 9.36 -4.44 -12.37
N LYS D 137 8.19 -5.02 -12.10
CA LYS D 137 7.04 -4.76 -12.97
C LYS D 137 6.67 -3.32 -12.66
N GLY D 138 6.03 -2.63 -13.59
CA GLY D 138 5.63 -1.26 -13.31
C GLY D 138 6.06 -0.18 -14.30
N PHE D 139 7.03 -0.49 -15.16
CA PHE D 139 7.47 0.48 -16.14
C PHE D 139 6.73 0.25 -17.45
N SER D 140 6.47 1.33 -18.17
CA SER D 140 5.77 1.27 -19.44
C SER D 140 6.48 0.44 -20.48
N PRO D 141 5.71 -0.31 -21.28
CA PRO D 141 6.27 -1.15 -22.35
C PRO D 141 6.92 -0.22 -23.38
N ASP D 142 6.34 0.97 -23.51
CA ASP D 142 6.82 1.99 -24.44
C ASP D 142 8.19 2.52 -24.01
N THR D 143 8.38 2.60 -22.70
CA THR D 143 9.64 3.09 -22.14
C THR D 143 10.74 2.02 -22.23
N LEU D 144 10.38 0.77 -21.95
CA LEU D 144 11.38 -0.30 -22.01
C LEU D 144 11.88 -0.49 -23.44
N LYS D 145 11.01 -0.29 -24.43
CA LYS D 145 11.42 -0.42 -25.83
C LYS D 145 12.45 0.65 -26.16
N LEU D 146 12.23 1.85 -25.63
CA LEU D 146 13.16 2.95 -25.86
C LEU D 146 14.52 2.63 -25.23
N LEU D 147 14.50 2.04 -24.04
CA LEU D 147 15.72 1.67 -23.36
C LEU D 147 16.48 0.60 -24.13
N GLU D 148 15.76 -0.38 -24.66
CA GLU D 148 16.39 -1.44 -25.44
C GLU D 148 17.03 -0.85 -26.68
N ALA D 149 16.36 0.12 -27.29
CA ALA D 149 16.86 0.79 -28.48
C ALA D 149 18.14 1.56 -28.16
N LYS D 150 18.27 2.01 -26.93
CA LYS D 150 19.45 2.76 -26.50
C LYS D 150 20.62 1.83 -26.24
N GLY D 151 20.36 0.54 -26.22
CA GLY D 151 21.43 -0.42 -25.98
C GLY D 151 21.37 -1.09 -24.61
N GLN D 152 20.37 -0.74 -23.82
CA GLN D 152 20.22 -1.34 -22.49
C GLN D 152 19.64 -2.74 -22.63
N LYS D 153 20.15 -3.67 -21.82
CA LYS D 153 19.68 -5.05 -21.81
C LYS D 153 18.69 -5.17 -20.65
N VAL D 154 17.41 -4.94 -20.92
CA VAL D 154 16.38 -4.99 -19.87
C VAL D 154 16.04 -6.39 -19.38
N ALA D 155 15.99 -6.55 -18.06
CA ALA D 155 15.66 -7.84 -17.46
C ALA D 155 14.61 -7.67 -16.35
N LEU D 156 13.42 -8.21 -16.57
CA LEU D 156 12.36 -8.13 -15.58
C LEU D 156 12.64 -9.17 -14.50
N LYS D 157 12.82 -8.70 -13.28
CA LYS D 157 13.12 -9.59 -12.15
C LYS D 157 12.18 -9.35 -10.97
N GLU D 158 12.42 -10.09 -9.89
CA GLU D 158 11.61 -9.99 -8.69
C GLU D 158 11.76 -8.66 -7.94
N ALA D 159 10.77 -8.35 -7.11
CA ALA D 159 10.76 -7.12 -6.32
C ALA D 159 12.08 -6.91 -5.60
N MSE D 160 12.50 -5.65 -5.51
CA MSE D 160 13.75 -5.29 -4.84
C MSE D 160 13.55 -4.41 -3.61
O MSE D 160 12.87 -3.39 -3.68
CB MSE D 160 14.68 -4.54 -5.80
CG MSE D 160 15.15 -5.29 -7.04
SE MSE D 160 16.41 -4.20 -8.05
CE MSE D 160 15.14 -3.24 -9.15
N GLY D 161 14.16 -4.82 -2.50
CA GLY D 161 14.13 -4.02 -1.28
C GLY D 161 12.93 -4.01 -0.34
N SER D 162 13.13 -3.32 0.78
CA SER D 162 12.10 -3.16 1.80
C SER D 162 12.41 -1.86 2.52
N THR D 163 12.08 -0.75 1.88
CA THR D 163 12.33 0.56 2.46
C THR D 163 11.37 0.84 3.62
N GLN D 164 11.89 1.47 4.66
CA GLN D 164 11.09 1.82 5.84
C GLN D 164 11.61 3.23 6.08
N SER D 165 10.80 4.21 5.69
CA SER D 165 11.23 5.60 5.75
C SER D 165 10.34 6.61 6.46
N ILE D 166 10.97 7.73 6.81
CA ILE D 166 10.29 8.83 7.49
C ILE D 166 10.78 10.16 6.90
N MSE D 167 9.83 11.01 6.50
CA MSE D 167 10.16 12.33 5.98
C MSE D 167 9.71 13.29 7.06
O MSE D 167 8.66 13.09 7.68
CB MSE D 167 9.40 12.63 4.67
CG MSE D 167 9.71 14.02 4.10
SE MSE D 167 8.94 14.36 2.36
CE MSE D 167 9.97 13.08 1.34
N VAL D 168 10.48 14.34 7.30
CA VAL D 168 10.16 15.31 8.33
C VAL D 168 9.89 16.69 7.73
N GLY D 169 8.74 17.26 8.07
CA GLY D 169 8.40 18.58 7.57
C GLY D 169 9.08 19.67 8.38
N PRO D 170 9.10 20.92 7.89
CA PRO D 170 9.75 22.01 8.63
C PRO D 170 9.06 22.27 9.96
N ASP D 171 7.76 22.01 10.01
CA ASP D 171 6.95 22.21 11.21
C ASP D 171 7.04 21.07 12.21
N GLY D 172 7.78 20.02 11.88
CA GLY D 172 7.90 18.89 12.78
C GLY D 172 6.89 17.79 12.50
N GLU D 173 6.09 17.98 11.46
CA GLU D 173 5.09 16.98 11.08
C GLU D 173 5.83 15.78 10.52
N LEU D 174 5.44 14.57 10.93
CA LEU D 174 6.12 13.37 10.46
C LEU D 174 5.29 12.60 9.43
N TYR D 175 5.96 12.16 8.36
CA TYR D 175 5.31 11.41 7.28
C TYR D 175 6.11 10.13 7.07
N GLY D 176 5.43 8.98 7.16
CA GLY D 176 6.16 7.74 7.00
C GLY D 176 5.58 6.77 6.01
N ALA D 177 6.37 5.76 5.64
CA ALA D 177 5.88 4.76 4.71
C ALA D 177 6.66 3.46 4.78
N SER D 178 5.94 2.35 4.79
CA SER D 178 6.54 1.03 4.82
C SER D 178 6.38 0.45 3.42
N ASP D 179 7.40 -0.24 2.96
CA ASP D 179 7.41 -0.85 1.65
C ASP D 179 6.28 -1.86 1.44
N PRO D 180 5.55 -1.76 0.33
CA PRO D 180 4.46 -2.72 0.12
C PRO D 180 5.04 -4.11 -0.21
N ARG D 181 6.33 -4.15 -0.50
CA ARG D 181 6.98 -5.42 -0.85
C ARG D 181 7.13 -6.40 0.31
N SER D 182 7.02 -5.89 1.54
CA SER D 182 7.13 -6.75 2.72
C SER D 182 5.78 -6.87 3.44
N VAL D 183 5.18 -8.06 3.44
CA VAL D 183 3.92 -8.25 4.14
C VAL D 183 4.15 -8.12 5.65
N ASP D 184 3.14 -7.61 6.35
CA ASP D 184 3.18 -7.42 7.80
C ASP D 184 4.13 -6.34 8.32
N ASP D 185 4.63 -5.46 7.46
CA ASP D 185 5.50 -4.41 7.95
C ASP D 185 4.62 -3.25 8.43
N LEU D 186 5.22 -2.24 9.06
CA LEU D 186 4.40 -1.15 9.56
C LEU D 186 5.15 0.11 9.93
N THR D 187 4.52 1.24 9.64
CA THR D 187 5.05 2.54 10.03
C THR D 187 3.93 3.12 10.89
N ALA D 188 4.29 3.59 12.08
CA ALA D 188 3.29 4.17 12.98
C ALA D 188 3.93 5.20 13.89
N GLY D 189 3.09 6.05 14.47
CA GLY D 189 3.57 7.09 15.36
C GLY D 189 2.48 7.54 16.31
N TYR D 190 2.66 8.71 16.91
CA TYR D 190 1.69 9.25 17.85
C TYR D 190 1.84 10.77 17.88
C1 GOL E . -21.96 5.16 -34.03
O1 GOL E . -21.25 3.91 -33.88
C2 GOL E . -20.99 6.33 -33.87
O2 GOL E . -19.97 6.26 -34.88
C3 GOL E . -21.76 7.66 -34.03
O3 GOL E . -20.85 8.76 -33.88
C1 GOL F . -8.90 -4.84 -34.60
O1 GOL F . -8.01 -5.90 -34.92
C2 GOL F . -10.33 -5.24 -34.96
O2 GOL F . -10.70 -6.42 -34.23
C3 GOL F . -11.29 -4.10 -34.62
O3 GOL F . -12.63 -4.48 -34.96
SM SM G . -23.54 11.55 -7.64
C1 GOL H . -3.44 2.92 6.32
O1 GOL H . -4.20 4.10 6.62
C2 GOL H . -4.33 1.68 6.49
O2 GOL H . -5.46 1.76 5.60
C3 GOL H . -3.52 0.41 6.17
O3 GOL H . -4.33 -0.75 6.33
C1 GOL I . 36.87 6.17 -16.26
O1 GOL I . 36.12 7.34 -15.96
C2 GOL I . 36.04 5.25 -17.17
O2 GOL I . 35.71 5.95 -18.38
C3 GOL I . 36.83 3.99 -17.49
O3 GOL I . 36.05 3.14 -18.33
SM SM J . 25.20 -10.33 2.06
C1 GOL K . -0.11 -5.87 5.59
O1 GOL K . 0.66 -7.07 5.59
C2 GOL K . 0.50 -4.85 6.57
O2 GOL K . 1.84 -4.56 6.18
C3 GOL K . -0.34 -3.57 6.55
O3 GOL K . 0.22 -2.63 7.47
#